data_5LRI
#
_entry.id   5LRI
#
_cell.length_a   139.820
_cell.length_b   139.820
_cell.length_c   185.252
_cell.angle_alpha   90.00
_cell.angle_beta   90.00
_cell.angle_gamma   120.00
#
_symmetry.space_group_name_H-M   'P 31 2 1'
#
loop_
_entity.id
_entity.type
_entity.pdbx_description
1 polymer 'Reaction center protein L chain'
2 polymer 'Reaction center protein M chain'
3 polymer 'Reaction center protein H chain'
4 non-polymer 'BACTERIOCHLOROPHYLL A'
5 non-polymer 'BACTERIOPHEOPHYTIN A'
6 non-polymer UBIQUINONE-10
7 non-polymer nonane
8 non-polymer 'FE (III) ION'
9 non-polymer 'LAURYL DIMETHYLAMINE-N-OXIDE'
10 non-polymer SPEROIDENONE
11 non-polymer CARDIOLIPIN
12 water water
#
loop_
_entity_poly.entity_id
_entity_poly.type
_entity_poly.pdbx_seq_one_letter_code
_entity_poly.pdbx_strand_id
1 'polypeptide(L)'
;ALLSFERKYRVPGGTLVGGNLFDFWVGPFYVGFFGVATFFFAALGIILIAWSAVLQGTWNPQLISVYPPALEYGLGGAPL
AKGGLWQIITICATGAFVSWALREVEICRKLGIGYHIPFAFAFAILAYLTLVLFRPVMMGAWGYAFPYGIWTHLDWVSNT
GYTYGNFHYNPAHMIAISFFFTNALALALHGALVLSAANPEKGKEMRTPDHWDTFFRDLVGYSIGTLGIHRLGLLLSLSA
VFFSALCMIITGTIWFDQWVDWWQWWVKLPWWANIPGGING
;
L
2 'polypeptide(L)'
;AEYQNIFSQVQVRGPADLGMTEDVNLANRSGVGPFSTLLGWFGNAQLGPIYLGSLGVLSLFSGLMWFFTIGIWFWYQAGW
NPAVFLRDLFFFSLEPPAPEYGLSFAAPLKEGGLWLIASFFMFVAVWSWWGRTYLRAQALGMGKHTAWAFLSAIWLWMVL
GFIRPILMGSWSEAVPYGIFSHLDWTNNFSLVHGNLFYNPFHGLSIAFLYGSALLFAMHGATILAVSRFGGERELEQIAD
RGTAAERAALFWRWTMGFNATMEGIHRWAIWMAVLVTLTGGIGILLSGTVVDNWYVWGQNHGMAPLN
;
M
3 'polypeptide(L)'
;MVGVTAFGNFDLASLAIYSFWIFLAGLIYYLQTENMREGYPLENEDGTPAANQGPFPLPKPKTFILPHGRGTLTVPGPES
EDRPIALARTAVSEGFPHAPTGDPMKDGVGPASWVARRDLPELDGHGHNKIKPMKAAAGFHVSAGKNPIGLPVRGCDLEI
AGKVVDIWVDIPEQMARFLEVELKDGSTRLLPMQMVKVQSNRVHVNALSSDLFAGIPTIKSPTEVTLLEEDKICGYVAGG
LMYAAPKRKSVVAAMLAEYA
;
H
#
loop_
_chem_comp.id
_chem_comp.type
_chem_comp.name
_chem_comp.formula
BCL non-polymer 'BACTERIOCHLOROPHYLL A' 'C55 H74 Mg N4 O6'
BPH non-polymer 'BACTERIOPHEOPHYTIN A' 'C55 H76 N4 O6'
CDL non-polymer CARDIOLIPIN 'C81 H156 O17 P2 -2'
DD9 non-polymer nonane 'C9 H20'
FE non-polymer 'FE (III) ION' 'Fe 3'
LDA non-polymer 'LAURYL DIMETHYLAMINE-N-OXIDE' 'C14 H31 N O'
SPN non-polymer SPEROIDENONE 'C41 H70 O2'
U10 non-polymer UBIQUINONE-10 'C59 H90 O4'
#
# COMPACT_ATOMS: atom_id res chain seq x y z
N ALA A 1 13.93 -18.67 -18.29
CA ALA A 1 12.55 -19.12 -18.56
C ALA A 1 11.57 -17.92 -18.41
N LEU A 2 10.43 -18.07 -19.06
CA LEU A 2 9.48 -17.00 -19.22
C LEU A 2 8.14 -17.44 -18.67
N LEU A 3 7.40 -16.47 -18.12
CA LEU A 3 5.97 -16.68 -17.88
C LEU A 3 5.31 -16.99 -19.19
N SER A 4 4.22 -17.76 -19.12
CA SER A 4 3.50 -18.13 -20.38
C SER A 4 3.19 -16.93 -21.27
N PHE A 5 3.01 -15.74 -20.70
CA PHE A 5 2.53 -14.54 -21.49
C PHE A 5 3.65 -13.51 -21.79
N GLU A 6 4.86 -13.86 -21.35
CA GLU A 6 5.93 -12.89 -21.29
C GLU A 6 6.57 -12.43 -22.60
N ARG A 7 6.63 -13.31 -23.59
CA ARG A 7 7.57 -13.09 -24.72
C ARG A 7 7.26 -11.80 -25.50
N LYS A 8 5.97 -11.55 -25.64
CA LYS A 8 5.48 -10.42 -26.41
C LYS A 8 5.98 -9.10 -25.91
N TYR A 9 6.28 -9.03 -24.63
CA TYR A 9 6.76 -7.83 -24.01
C TYR A 9 8.28 -7.71 -24.05
N ARG A 10 9.04 -8.78 -24.35
CA ARG A 10 10.52 -8.68 -24.30
C ARG A 10 11.02 -8.14 -25.62
N VAL A 11 10.79 -6.86 -25.85
CA VAL A 11 11.15 -6.29 -27.14
C VAL A 11 12.34 -5.42 -26.83
N PRO A 12 13.09 -5.03 -27.87
CA PRO A 12 14.15 -4.04 -27.64
C PRO A 12 13.60 -2.68 -27.27
N GLY A 13 14.38 -1.94 -26.48
CA GLY A 13 14.12 -0.53 -26.25
C GLY A 13 13.76 -0.17 -24.84
N GLY A 14 13.70 1.12 -24.57
CA GLY A 14 13.39 1.66 -23.23
C GLY A 14 14.59 2.07 -22.41
N THR A 15 15.80 1.73 -22.85
CA THR A 15 17.02 2.00 -22.08
C THR A 15 17.29 3.50 -22.03
N LEU A 16 17.87 3.93 -20.91
CA LEU A 16 18.23 5.35 -20.70
C LEU A 16 19.68 5.65 -21.05
N VAL A 17 20.56 4.66 -20.88
CA VAL A 17 21.97 4.74 -21.21
C VAL A 17 22.38 3.41 -21.88
N GLY A 18 23.25 3.52 -22.88
CA GLY A 18 23.95 2.38 -23.46
C GLY A 18 23.36 1.80 -24.72
N GLY A 19 22.29 2.41 -25.25
CA GLY A 19 21.52 1.80 -26.34
C GLY A 19 21.14 0.33 -26.09
N ASN A 20 21.46 -0.53 -27.06
CA ASN A 20 21.24 -1.97 -26.95
C ASN A 20 22.31 -2.76 -26.16
N LEU A 21 23.34 -2.09 -25.64
CA LEU A 21 24.48 -2.81 -25.08
C LEU A 21 24.13 -3.71 -23.90
N PHE A 22 23.27 -3.24 -22.99
CA PHE A 22 22.87 -4.03 -21.84
C PHE A 22 21.36 -4.40 -21.90
N ASP A 23 20.80 -4.41 -23.12
CA ASP A 23 19.38 -4.61 -23.32
C ASP A 23 19.14 -6.10 -23.43
N PHE A 24 19.12 -6.74 -22.26
CA PHE A 24 18.91 -8.17 -22.19
C PHE A 24 18.55 -8.61 -20.76
N TRP A 25 18.21 -9.88 -20.59
CA TRP A 25 17.86 -10.47 -19.30
C TRP A 25 18.82 -11.60 -18.88
N VAL A 26 18.92 -11.83 -17.57
CA VAL A 26 19.48 -13.08 -17.00
C VAL A 26 18.39 -13.82 -16.21
N GLY A 27 17.87 -14.91 -16.75
CA GLY A 27 16.72 -15.56 -16.14
C GLY A 27 15.52 -14.61 -16.19
N PRO A 28 14.83 -14.44 -15.03
CA PRO A 28 13.78 -13.45 -14.97
C PRO A 28 14.27 -12.00 -14.97
N PHE A 29 15.46 -11.74 -14.48
CA PHE A 29 15.94 -10.38 -14.21
C PHE A 29 16.26 -9.58 -15.44
N TYR A 30 15.70 -8.39 -15.56
CA TYR A 30 16.16 -7.48 -16.58
C TYR A 30 17.51 -6.89 -16.09
N VAL A 31 18.39 -6.62 -17.04
CA VAL A 31 19.71 -6.09 -16.68
C VAL A 31 19.73 -4.60 -16.94
N GLY A 32 19.98 -4.17 -18.17
CA GLY A 32 20.29 -2.78 -18.44
C GLY A 32 21.57 -2.24 -17.78
N PHE A 33 21.91 -0.99 -18.13
CA PHE A 33 23.12 -0.34 -17.64
C PHE A 33 23.10 -0.27 -16.13
N PHE A 34 21.95 0.11 -15.60
CA PHE A 34 21.74 0.29 -14.17
C PHE A 34 21.65 -1.03 -13.43
N GLY A 35 21.35 -2.13 -14.13
CA GLY A 35 21.49 -3.46 -13.60
C GLY A 35 22.96 -3.76 -13.33
N VAL A 36 23.81 -3.45 -14.32
CA VAL A 36 25.29 -3.54 -14.21
C VAL A 36 25.82 -2.64 -13.10
N ALA A 37 25.34 -1.39 -13.06
CA ALA A 37 25.78 -0.46 -12.02
C ALA A 37 25.41 -1.04 -10.66
N THR A 38 24.17 -1.52 -10.51
CA THR A 38 23.70 -2.09 -9.26
C THR A 38 24.55 -3.27 -8.83
N PHE A 39 24.90 -4.16 -9.75
CA PHE A 39 25.73 -5.32 -9.40
C PHE A 39 27.09 -4.88 -8.82
N PHE A 40 27.77 -3.95 -9.51
CA PHE A 40 29.06 -3.42 -9.11
C PHE A 40 28.99 -2.80 -7.72
N PHE A 41 28.02 -1.89 -7.51
CA PHE A 41 27.94 -1.14 -6.28
C PHE A 41 27.64 -2.11 -5.16
N ALA A 42 26.62 -2.94 -5.35
CA ALA A 42 26.21 -3.91 -4.36
C ALA A 42 27.33 -4.88 -4.02
N ALA A 43 28.00 -5.41 -5.05
CA ALA A 43 29.02 -6.43 -4.83
C ALA A 43 30.23 -5.83 -4.09
N LEU A 44 30.69 -4.64 -4.50
CA LEU A 44 31.72 -3.93 -3.76
C LEU A 44 31.35 -3.70 -2.30
N GLY A 45 30.14 -3.16 -2.07
CA GLY A 45 29.63 -2.92 -0.73
C GLY A 45 29.64 -4.18 0.14
N ILE A 46 29.14 -5.29 -0.40
CA ILE A 46 29.16 -6.56 0.32
C ILE A 46 30.64 -7.00 0.59
N ILE A 47 31.51 -6.84 -0.39
CA ILE A 47 32.95 -7.15 -0.24
C ILE A 47 33.58 -6.28 0.86
N LEU A 48 33.25 -5.00 0.89
CA LEU A 48 33.81 -4.12 1.89
C LEU A 48 33.29 -4.48 3.25
N ILE A 49 32.02 -4.87 3.33
CA ILE A 49 31.46 -5.34 4.59
C ILE A 49 32.12 -6.64 5.02
N ALA A 50 32.31 -7.57 4.10
CA ALA A 50 33.02 -8.86 4.36
C ALA A 50 34.48 -8.65 4.93
N TRP A 51 35.18 -7.67 4.36
CA TRP A 51 36.46 -7.21 4.85
C TRP A 51 36.34 -6.50 6.19
N SER A 52 35.50 -5.45 6.26
CA SER A 52 35.27 -4.73 7.53
C SER A 52 34.95 -5.73 8.67
N ALA A 53 34.32 -6.87 8.33
CA ALA A 53 34.16 -7.97 9.28
C ALA A 53 35.51 -8.51 9.83
N VAL A 54 36.48 -8.84 8.98
CA VAL A 54 37.78 -9.37 9.50
C VAL A 54 38.51 -8.34 10.41
N LEU A 55 38.60 -7.07 9.98
CA LEU A 55 39.12 -5.96 10.82
C LEU A 55 38.42 -5.74 12.18
N GLN A 56 37.13 -6.00 12.22
CA GLN A 56 36.40 -6.07 13.49
C GLN A 56 36.74 -7.38 14.25
N GLY A 57 36.90 -8.48 13.49
CA GLY A 57 37.26 -9.82 13.99
C GLY A 57 36.07 -10.72 14.26
N THR A 58 35.22 -10.92 13.25
CA THR A 58 34.02 -11.77 13.40
C THR A 58 33.33 -12.13 12.05
N TRP A 59 32.50 -13.18 12.12
CA TRP A 59 31.71 -13.72 10.99
C TRP A 59 30.22 -14.04 11.31
N ASN A 60 29.75 -13.79 12.54
CA ASN A 60 28.32 -13.93 12.86
C ASN A 60 27.57 -12.72 12.27
N PRO A 61 26.49 -12.95 11.48
CA PRO A 61 25.71 -11.81 10.95
C PRO A 61 25.05 -10.94 12.03
N GLN A 62 24.69 -11.55 13.15
CA GLN A 62 24.18 -10.86 14.35
C GLN A 62 25.25 -10.09 15.14
N LEU A 63 26.52 -10.25 14.81
CA LEU A 63 27.54 -9.40 15.41
C LEU A 63 28.21 -8.46 14.42
N ILE A 64 28.27 -8.78 13.14
CA ILE A 64 28.98 -7.88 12.22
C ILE A 64 28.33 -6.50 12.32
N SER A 65 29.16 -5.47 12.52
CA SER A 65 28.68 -4.09 12.51
C SER A 65 29.74 -3.16 11.94
N VAL A 66 29.36 -2.36 10.95
CA VAL A 66 30.25 -1.37 10.34
C VAL A 66 29.91 0.01 10.87
N TYR A 67 30.68 0.45 11.86
N TYR A 67 30.69 0.46 11.86
CA TYR A 67 30.43 1.66 12.61
CA TYR A 67 30.45 1.73 12.52
C TYR A 67 31.00 2.86 11.78
C TYR A 67 30.99 2.88 11.70
N PRO A 68 30.31 4.04 11.75
CA PRO A 68 30.85 5.22 11.05
C PRO A 68 32.08 5.84 11.76
N PRO A 69 32.73 6.84 11.11
CA PRO A 69 33.73 7.66 11.80
C PRO A 69 33.16 8.22 13.11
N ALA A 70 33.98 8.24 14.16
CA ALA A 70 33.60 8.86 15.44
C ALA A 70 33.47 10.38 15.26
N LEU A 71 32.79 11.03 16.20
CA LEU A 71 32.35 12.43 16.01
C LEU A 71 33.50 13.39 15.72
N GLU A 72 34.60 13.21 16.46
CA GLU A 72 35.85 13.98 16.26
C GLU A 72 36.41 14.02 14.82
N TYR A 73 36.05 13.08 13.95
CA TYR A 73 36.45 13.17 12.53
C TYR A 73 35.65 14.22 11.72
N GLY A 74 34.60 14.81 12.29
CA GLY A 74 33.79 15.80 11.55
C GLY A 74 33.19 15.16 10.28
N LEU A 75 33.27 15.91 9.18
CA LEU A 75 32.88 15.47 7.85
C LEU A 75 34.07 15.10 6.93
N GLY A 76 35.16 14.62 7.50
CA GLY A 76 36.33 14.24 6.72
C GLY A 76 36.43 12.73 6.61
N GLY A 77 37.44 12.27 5.87
CA GLY A 77 37.73 10.84 5.75
C GLY A 77 38.27 10.22 7.04
N ALA A 78 38.43 8.91 7.02
CA ALA A 78 38.85 8.17 8.19
C ALA A 78 39.58 6.88 7.79
N PRO A 79 40.54 6.43 8.61
CA PRO A 79 41.06 5.08 8.35
C PRO A 79 39.91 4.05 8.22
N LEU A 80 40.00 3.25 7.16
CA LEU A 80 39.19 2.09 6.88
C LEU A 80 38.76 1.30 8.13
N ALA A 81 39.71 1.05 9.01
CA ALA A 81 39.48 0.25 10.20
C ALA A 81 38.50 0.94 11.18
N LYS A 82 38.51 2.28 11.19
CA LYS A 82 37.60 3.07 12.05
C LYS A 82 36.93 4.26 11.33
N GLY A 83 36.08 3.93 10.37
CA GLY A 83 35.17 4.91 9.73
C GLY A 83 35.19 4.99 8.21
N GLY A 84 36.37 4.76 7.64
CA GLY A 84 36.57 4.78 6.18
C GLY A 84 35.71 3.79 5.42
N LEU A 85 35.58 2.58 5.97
CA LEU A 85 34.83 1.55 5.32
C LEU A 85 33.35 1.88 5.30
N TRP A 86 32.84 2.38 6.42
CA TRP A 86 31.46 2.85 6.46
C TRP A 86 31.21 3.85 5.38
N GLN A 87 32.11 4.82 5.24
CA GLN A 87 31.95 5.92 4.30
C GLN A 87 31.90 5.43 2.86
N ILE A 88 32.82 4.53 2.48
CA ILE A 88 32.83 3.93 1.12
C ILE A 88 31.55 3.07 0.92
N ILE A 89 31.20 2.26 1.93
CA ILE A 89 30.01 1.39 1.91
C ILE A 89 28.73 2.23 1.72
N THR A 90 28.68 3.39 2.37
CA THR A 90 27.54 4.28 2.21
C THR A 90 27.45 4.80 0.78
N ILE A 91 28.59 5.19 0.22
CA ILE A 91 28.62 5.60 -1.18
C ILE A 91 28.10 4.43 -2.06
N CYS A 92 28.51 3.21 -1.71
CA CYS A 92 28.10 2.03 -2.48
C CYS A 92 26.55 1.77 -2.38
N ALA A 93 25.98 1.89 -1.18
CA ALA A 93 24.55 1.79 -0.91
C ALA A 93 23.68 2.74 -1.75
N THR A 94 24.06 4.01 -1.67
CA THR A 94 23.45 5.10 -2.42
C THR A 94 23.49 4.82 -3.91
N GLY A 95 24.66 4.44 -4.38
CA GLY A 95 24.88 4.02 -5.77
C GLY A 95 23.99 2.87 -6.19
N ALA A 96 23.89 1.83 -5.34
CA ALA A 96 23.03 0.69 -5.61
C ALA A 96 21.54 1.01 -5.64
N PHE A 97 21.06 1.84 -4.70
CA PHE A 97 19.64 2.15 -4.58
C PHE A 97 19.18 3.04 -5.70
N VAL A 98 19.99 4.04 -6.05
CA VAL A 98 19.69 4.97 -7.15
C VAL A 98 19.72 4.22 -8.46
N SER A 99 20.78 3.44 -8.67
CA SER A 99 20.86 2.50 -9.78
C SER A 99 19.62 1.54 -9.84
N TRP A 100 19.20 1.00 -8.69
CA TRP A 100 17.96 0.19 -8.67
C TRP A 100 16.70 1.01 -9.10
N ALA A 101 16.58 2.26 -8.66
CA ALA A 101 15.48 3.10 -9.09
C ALA A 101 15.55 3.39 -10.60
N LEU A 102 16.76 3.67 -11.10
CA LEU A 102 16.89 4.06 -12.52
C LEU A 102 16.65 2.83 -13.41
N ARG A 103 16.98 1.63 -12.91
CA ARG A 103 16.70 0.38 -13.61
C ARG A 103 15.18 0.14 -13.67
N GLU A 104 14.46 0.49 -12.61
CA GLU A 104 12.99 0.39 -12.57
C GLU A 104 12.35 1.29 -13.64
N VAL A 105 12.93 2.48 -13.82
CA VAL A 105 12.50 3.43 -14.87
C VAL A 105 12.69 2.81 -16.30
N GLU A 106 13.83 2.15 -16.54
CA GLU A 106 14.07 1.47 -17.81
C GLU A 106 13.02 0.38 -18.06
N ILE A 107 12.72 -0.39 -17.01
CA ILE A 107 11.70 -1.44 -17.07
C ILE A 107 10.31 -0.84 -17.38
N CYS A 108 9.98 0.29 -16.72
CA CYS A 108 8.77 1.04 -17.03
C CYS A 108 8.69 1.46 -18.50
N ARG A 109 9.77 1.98 -19.04
CA ARG A 109 9.74 2.44 -20.45
C ARG A 109 9.52 1.29 -21.43
N LYS A 110 10.18 0.15 -21.15
CA LYS A 110 10.00 -1.01 -21.99
C LYS A 110 8.57 -1.54 -21.93
N LEU A 111 7.97 -1.53 -20.73
CA LEU A 111 6.63 -2.04 -20.54
C LEU A 111 5.49 -1.05 -20.83
N GLY A 112 5.81 0.20 -21.16
CA GLY A 112 4.82 1.18 -21.43
C GLY A 112 3.91 1.57 -20.27
N ILE A 113 4.45 1.48 -19.04
CA ILE A 113 3.69 1.86 -17.81
C ILE A 113 4.16 3.19 -17.24
N GLY A 114 3.35 3.71 -16.32
CA GLY A 114 3.73 4.88 -15.56
C GLY A 114 4.95 4.63 -14.68
N TYR A 115 5.56 5.73 -14.25
CA TYR A 115 6.74 5.72 -13.42
C TYR A 115 6.47 5.73 -11.92
N HIS A 116 5.30 5.27 -11.49
CA HIS A 116 4.91 5.50 -10.06
C HIS A 116 5.78 4.72 -9.07
N ILE A 117 6.23 3.57 -9.48
CA ILE A 117 6.99 2.69 -8.56
C ILE A 117 8.38 3.27 -8.16
N PRO A 118 9.27 3.57 -9.14
CA PRO A 118 10.55 4.24 -8.82
C PRO A 118 10.34 5.57 -8.12
N PHE A 119 9.31 6.28 -8.53
CA PHE A 119 8.95 7.49 -7.83
C PHE A 119 8.72 7.19 -6.34
N ALA A 120 7.92 6.15 -6.04
CA ALA A 120 7.65 5.77 -4.65
C ALA A 120 8.93 5.32 -3.96
N PHE A 121 9.68 4.45 -4.62
CA PHE A 121 10.91 3.99 -4.05
C PHE A 121 11.82 5.17 -3.68
N ALA A 122 11.88 6.22 -4.51
CA ALA A 122 12.72 7.39 -4.20
C ALA A 122 12.42 8.01 -2.81
N PHE A 123 11.21 7.85 -2.28
CA PHE A 123 10.93 8.25 -0.88
C PHE A 123 11.76 7.43 0.11
N ALA A 124 11.85 6.11 -0.08
CA ALA A 124 12.68 5.28 0.86
C ALA A 124 14.14 5.69 0.81
N ILE A 125 14.65 5.90 -0.40
CA ILE A 125 16.02 6.33 -0.64
C ILE A 125 16.31 7.65 0.12
N LEU A 126 15.34 8.57 0.09
CA LEU A 126 15.51 9.86 0.67
C LEU A 126 15.55 9.78 2.21
N ALA A 127 14.79 8.85 2.77
CA ALA A 127 14.78 8.58 4.18
C ALA A 127 16.15 8.02 4.60
N TYR A 128 16.64 6.99 3.91
CA TYR A 128 18.00 6.51 4.10
C TYR A 128 18.98 7.68 4.04
N LEU A 129 18.89 8.49 2.98
CA LEU A 129 19.84 9.61 2.79
C LEU A 129 19.74 10.70 3.89
N THR A 130 18.53 10.98 4.39
CA THR A 130 18.35 11.76 5.58
C THR A 130 19.17 11.24 6.79
N LEU A 131 19.08 9.95 7.10
CA LEU A 131 19.80 9.45 8.28
C LEU A 131 21.33 9.41 8.15
N VAL A 132 21.84 9.06 6.96
CA VAL A 132 23.26 8.84 6.74
C VAL A 132 23.99 10.01 6.07
N LEU A 133 23.24 10.94 5.48
CA LEU A 133 23.89 12.00 4.70
C LEU A 133 23.42 13.36 5.12
N PHE A 134 22.12 13.63 5.03
CA PHE A 134 21.63 15.00 5.24
C PHE A 134 21.71 15.38 6.70
N ARG A 135 21.24 14.52 7.60
CA ARG A 135 21.28 14.86 9.00
C ARG A 135 22.74 14.97 9.49
N PRO A 136 23.58 13.95 9.29
CA PRO A 136 25.00 14.01 9.64
C PRO A 136 25.77 15.19 9.05
N VAL A 137 25.50 15.56 7.80
CA VAL A 137 26.12 16.77 7.24
C VAL A 137 25.70 18.00 8.05
N MET A 138 24.38 18.15 8.22
CA MET A 138 23.76 19.31 8.84
C MET A 138 24.19 19.43 10.31
N MET A 139 24.36 18.29 10.98
CA MET A 139 24.97 18.23 12.31
C MET A 139 26.53 18.24 12.37
N GLY A 140 27.23 18.37 11.25
CA GLY A 140 28.69 18.46 11.22
C GLY A 140 29.56 17.21 11.43
N ALA A 141 28.96 16.01 11.43
CA ALA A 141 29.74 14.78 11.50
C ALA A 141 28.99 13.50 11.03
N TRP A 142 29.71 12.69 10.26
CA TRP A 142 29.37 11.30 9.95
C TRP A 142 29.05 10.37 11.11
N GLY A 143 29.58 10.67 12.31
CA GLY A 143 29.31 9.84 13.49
C GLY A 143 27.88 9.83 14.02
N TYR A 144 27.07 10.83 13.66
CA TYR A 144 25.65 10.82 14.04
C TYR A 144 24.78 9.87 13.15
N ALA A 145 25.34 9.38 12.05
CA ALA A 145 24.67 8.37 11.24
C ALA A 145 24.67 7.06 12.00
N PHE A 146 23.83 6.14 11.55
CA PHE A 146 23.64 4.87 12.20
C PHE A 146 24.63 3.83 11.65
N PRO A 147 25.05 2.87 12.49
CA PRO A 147 25.98 1.88 12.02
C PRO A 147 25.26 0.76 11.31
N TYR A 148 25.94 0.13 10.37
CA TYR A 148 25.38 -1.03 9.69
C TYR A 148 25.69 -2.32 10.43
N GLY A 149 24.81 -2.62 11.37
CA GLY A 149 24.68 -3.96 11.87
C GLY A 149 23.29 -4.16 12.39
N ILE A 150 22.90 -5.42 12.46
CA ILE A 150 21.53 -5.83 12.70
C ILE A 150 21.03 -5.36 14.03
N TRP A 151 21.77 -5.60 15.07
CA TRP A 151 21.38 -5.13 16.40
C TRP A 151 21.95 -3.77 16.70
N THR A 152 23.20 -3.54 16.28
CA THR A 152 23.82 -2.25 16.52
C THR A 152 23.03 -1.07 15.94
N HIS A 153 22.34 -1.19 14.82
CA HIS A 153 21.52 -0.05 14.34
C HIS A 153 20.32 0.25 15.26
N LEU A 154 19.79 -0.75 15.98
CA LEU A 154 18.74 -0.57 17.02
C LEU A 154 19.23 0.10 18.30
N ASP A 155 20.47 -0.23 18.74
CA ASP A 155 21.13 0.50 19.79
C ASP A 155 21.10 1.97 19.40
N TRP A 156 21.45 2.29 18.14
CA TRP A 156 21.50 3.69 17.68
C TRP A 156 20.15 4.39 17.71
N VAL A 157 19.11 3.68 17.33
CA VAL A 157 17.77 4.26 17.32
C VAL A 157 17.38 4.57 18.77
N SER A 158 17.70 3.64 19.66
CA SER A 158 17.35 3.80 21.08
C SER A 158 18.10 4.98 21.78
N ASN A 159 19.40 5.03 21.56
CA ASN A 159 20.23 6.11 22.07
C ASN A 159 19.93 7.45 21.43
N THR A 160 19.64 7.45 20.13
CA THR A 160 19.23 8.69 19.47
C THR A 160 17.89 9.20 20.04
N GLY A 161 16.89 8.34 20.13
CA GLY A 161 15.62 8.73 20.70
C GLY A 161 15.73 9.28 22.12
N TYR A 162 16.42 8.56 23.01
CA TYR A 162 16.48 8.95 24.44
C TYR A 162 17.38 10.13 24.73
N THR A 163 18.24 10.50 23.78
CA THR A 163 18.86 11.81 23.77
C THR A 163 17.89 13.00 23.88
N TYR A 164 16.62 12.79 23.51
CA TYR A 164 15.62 13.82 23.47
C TYR A 164 14.45 13.43 24.36
N GLY A 165 14.71 12.57 25.33
CA GLY A 165 13.65 12.11 26.24
C GLY A 165 12.88 10.98 25.57
N ASN A 166 11.61 10.84 25.96
CA ASN A 166 10.69 10.00 25.25
C ASN A 166 10.45 10.56 23.85
N PHE A 167 10.86 9.84 22.81
CA PHE A 167 10.88 10.43 21.45
C PHE A 167 9.48 10.50 20.84
N HIS A 168 8.52 9.92 21.55
CA HIS A 168 7.13 9.97 21.26
C HIS A 168 6.61 11.38 21.10
N TYR A 169 7.21 12.31 21.80
CA TYR A 169 6.74 13.69 21.86
C TYR A 169 7.20 14.52 20.65
N ASN A 170 7.99 13.94 19.75
CA ASN A 170 8.34 14.62 18.52
C ASN A 170 7.05 14.72 17.69
N PRO A 171 6.60 15.95 17.34
CA PRO A 171 5.29 16.03 16.70
C PRO A 171 5.27 15.49 15.25
N ALA A 172 6.33 15.68 14.49
CA ALA A 172 6.42 15.11 13.14
C ALA A 172 6.40 13.59 13.21
N HIS A 173 7.02 13.03 14.25
CA HIS A 173 7.05 11.60 14.55
C HIS A 173 5.65 11.09 14.90
N MET A 174 4.86 11.88 15.58
CA MET A 174 3.44 11.54 15.78
C MET A 174 2.68 11.38 14.48
N ILE A 175 2.82 12.35 13.59
CA ILE A 175 2.14 12.28 12.30
C ILE A 175 2.59 11.04 11.51
N ALA A 176 3.89 10.82 11.45
CA ALA A 176 4.50 9.67 10.82
C ALA A 176 3.91 8.33 11.33
N ILE A 177 3.97 8.12 12.63
CA ILE A 177 3.31 6.95 13.20
C ILE A 177 1.87 6.82 12.70
N SER A 178 1.10 7.90 12.77
CA SER A 178 -0.32 7.87 12.40
C SER A 178 -0.54 7.38 10.97
N PHE A 179 0.31 7.82 10.05
CA PHE A 179 0.28 7.31 8.71
C PHE A 179 0.68 5.83 8.61
N PHE A 180 1.78 5.41 9.25
CA PHE A 180 2.11 3.99 9.36
C PHE A 180 0.97 3.10 9.81
N PHE A 181 0.33 3.45 10.91
CA PHE A 181 -0.75 2.63 11.42
C PHE A 181 -1.95 2.73 10.48
N THR A 182 -2.24 3.92 9.97
CA THR A 182 -3.37 4.05 9.08
C THR A 182 -3.12 3.23 7.82
N ASN A 183 -1.87 3.18 7.36
CA ASN A 183 -1.52 2.48 6.15
C ASN A 183 -1.74 1.02 6.27
N ALA A 184 -1.31 0.45 7.39
CA ALA A 184 -1.52 -0.96 7.68
C ALA A 184 -2.98 -1.31 7.83
N LEU A 185 -3.74 -0.43 8.44
CA LEU A 185 -5.20 -0.60 8.55
C LEU A 185 -5.89 -0.69 7.15
N ALA A 186 -5.58 0.30 6.30
CA ALA A 186 -5.95 0.32 4.91
C ALA A 186 -5.49 -0.93 4.09
N LEU A 187 -4.27 -1.39 4.32
CA LEU A 187 -3.79 -2.58 3.66
C LEU A 187 -4.57 -3.81 4.05
N ALA A 188 -4.81 -4.01 5.35
CA ALA A 188 -5.70 -5.13 5.83
C ALA A 188 -7.03 -5.09 5.13
N LEU A 189 -7.66 -3.94 5.20
CA LEU A 189 -8.99 -3.74 4.64
C LEU A 189 -9.05 -3.96 3.12
N HIS A 190 -8.11 -3.41 2.34
CA HIS A 190 -8.09 -3.65 0.89
C HIS A 190 -7.91 -5.12 0.59
N GLY A 191 -6.92 -5.73 1.22
CA GLY A 191 -6.63 -7.14 1.03
C GLY A 191 -7.86 -7.99 1.26
N ALA A 192 -8.43 -7.83 2.45
CA ALA A 192 -9.62 -8.56 2.86
C ALA A 192 -10.79 -8.27 1.92
N LEU A 193 -11.00 -6.98 1.59
CA LEU A 193 -12.12 -6.65 0.72
C LEU A 193 -12.08 -7.39 -0.64
N VAL A 194 -11.01 -7.18 -1.38
CA VAL A 194 -10.88 -7.82 -2.69
C VAL A 194 -11.04 -9.35 -2.57
N LEU A 195 -10.46 -9.94 -1.55
CA LEU A 195 -10.49 -11.39 -1.39
C LEU A 195 -11.88 -11.85 -1.01
N SER A 196 -12.59 -11.07 -0.18
CA SER A 196 -13.99 -11.34 0.14
C SER A 196 -14.93 -11.29 -1.10
N ALA A 197 -14.61 -10.42 -2.07
CA ALA A 197 -15.35 -10.41 -3.34
C ALA A 197 -14.99 -11.56 -4.27
N ALA A 198 -13.70 -11.92 -4.29
CA ALA A 198 -13.20 -12.94 -5.24
C ALA A 198 -13.37 -14.36 -4.72
N ASN A 199 -13.52 -14.50 -3.40
CA ASN A 199 -13.69 -15.78 -2.69
C ASN A 199 -14.94 -15.66 -1.77
N PRO A 200 -16.12 -15.64 -2.39
CA PRO A 200 -17.37 -15.51 -1.63
C PRO A 200 -17.71 -16.77 -0.85
N GLU A 201 -18.86 -16.78 -0.18
CA GLU A 201 -19.31 -18.00 0.53
C GLU A 201 -19.40 -19.16 -0.46
N LYS A 202 -19.24 -20.37 0.07
CA LYS A 202 -19.09 -21.57 -0.77
C LYS A 202 -20.24 -21.75 -1.74
N GLY A 203 -19.91 -21.99 -3.00
CA GLY A 203 -20.91 -22.22 -4.05
C GLY A 203 -21.41 -20.99 -4.78
N LYS A 204 -21.27 -19.80 -4.18
CA LYS A 204 -21.72 -18.57 -4.81
C LYS A 204 -20.74 -18.01 -5.82
N GLU A 205 -21.31 -17.21 -6.72
CA GLU A 205 -20.60 -16.49 -7.77
C GLU A 205 -19.69 -15.42 -7.17
N MET A 206 -18.59 -15.15 -7.88
CA MET A 206 -17.73 -14.02 -7.52
C MET A 206 -18.64 -12.81 -7.39
N ARG A 207 -18.42 -12.02 -6.34
CA ARG A 207 -19.09 -10.75 -6.18
C ARG A 207 -18.49 -9.78 -7.20
N THR A 208 -19.01 -8.56 -7.18
CA THR A 208 -18.69 -7.54 -8.15
C THR A 208 -18.22 -6.31 -7.41
N PRO A 209 -17.61 -5.36 -8.13
CA PRO A 209 -17.19 -4.17 -7.40
C PRO A 209 -18.34 -3.45 -6.71
N ASP A 210 -19.53 -3.48 -7.30
CA ASP A 210 -20.72 -2.91 -6.67
C ASP A 210 -20.99 -3.54 -5.28
N HIS A 211 -20.70 -4.82 -5.14
CA HIS A 211 -20.81 -5.49 -3.83
C HIS A 211 -19.85 -4.89 -2.78
N TRP A 212 -18.60 -4.67 -3.17
CA TRP A 212 -17.63 -4.13 -2.21
C TRP A 212 -17.81 -2.64 -1.90
N ASP A 213 -18.41 -1.86 -2.83
CA ASP A 213 -18.88 -0.47 -2.51
C ASP A 213 -20.08 -0.58 -1.58
N THR A 214 -20.94 -1.56 -1.79
CA THR A 214 -22.09 -1.73 -0.89
C THR A 214 -21.68 -2.15 0.50
N PHE A 215 -20.64 -3.00 0.59
CA PHE A 215 -20.11 -3.49 1.88
C PHE A 215 -19.65 -2.32 2.70
N PHE A 216 -18.75 -1.53 2.13
CA PHE A 216 -18.20 -0.39 2.88
C PHE A 216 -19.21 0.73 3.21
N ARG A 217 -20.20 0.93 2.34
CA ARG A 217 -21.23 1.93 2.59
C ARG A 217 -22.18 1.42 3.68
N ASP A 218 -22.61 0.17 3.59
CA ASP A 218 -23.35 -0.42 4.69
C ASP A 218 -22.59 -0.27 6.03
N LEU A 219 -21.28 -0.55 6.01
CA LEU A 219 -20.44 -0.52 7.23
C LEU A 219 -20.13 0.86 7.81
N VAL A 220 -19.51 1.76 7.05
CA VAL A 220 -19.13 3.08 7.58
C VAL A 220 -19.79 4.25 6.88
N GLY A 221 -20.63 3.98 5.88
CA GLY A 221 -21.28 5.06 5.16
C GLY A 221 -20.43 5.74 4.11
N TYR A 222 -19.34 5.11 3.69
CA TYR A 222 -18.55 5.67 2.58
C TYR A 222 -17.76 4.56 1.90
N SER A 223 -17.54 4.68 0.61
CA SER A 223 -16.56 3.81 -0.06
C SER A 223 -15.72 4.66 -0.97
N ILE A 224 -14.42 4.59 -0.82
CA ILE A 224 -13.55 5.45 -1.57
C ILE A 224 -13.46 5.02 -3.04
N GLY A 225 -13.86 3.79 -3.37
CA GLY A 225 -13.65 3.30 -4.72
C GLY A 225 -12.23 2.76 -4.99
N THR A 226 -12.18 1.93 -6.01
CA THR A 226 -11.01 1.16 -6.33
C THR A 226 -9.87 1.98 -6.88
N LEU A 227 -10.13 3.00 -7.68
CA LEU A 227 -9.03 3.91 -7.96
C LEU A 227 -8.53 4.57 -6.64
N GLY A 228 -9.49 5.02 -5.84
CA GLY A 228 -9.22 5.75 -4.60
C GLY A 228 -8.33 5.03 -3.60
N ILE A 229 -8.63 3.75 -3.36
CA ILE A 229 -7.89 3.00 -2.35
C ILE A 229 -6.42 2.81 -2.72
N HIS A 230 -6.16 2.73 -4.00
CA HIS A 230 -4.81 2.56 -4.50
C HIS A 230 -4.07 3.85 -4.43
N ARG A 231 -4.70 4.92 -4.80
CA ARG A 231 -4.17 6.25 -4.47
C ARG A 231 -3.91 6.42 -2.97
N LEU A 232 -4.82 5.92 -2.14
CA LEU A 232 -4.79 6.10 -0.72
C LEU A 232 -3.57 5.44 -0.13
N GLY A 233 -3.41 4.16 -0.44
CA GLY A 233 -2.34 3.35 0.13
C GLY A 233 -1.04 3.95 -0.28
N LEU A 234 -0.94 4.39 -1.54
CA LEU A 234 0.27 5.01 -2.00
C LEU A 234 0.54 6.29 -1.16
N LEU A 235 -0.48 7.10 -0.98
CA LEU A 235 -0.38 8.35 -0.20
C LEU A 235 -0.07 8.12 1.32
N LEU A 236 -0.74 7.18 1.97
CA LEU A 236 -0.50 6.90 3.37
C LEU A 236 0.97 6.48 3.58
N SER A 237 1.46 5.57 2.74
CA SER A 237 2.81 5.08 2.83
C SER A 237 3.88 6.08 2.57
N LEU A 238 3.70 6.85 1.50
CA LEU A 238 4.67 7.83 1.13
C LEU A 238 4.68 8.97 2.18
N SER A 239 3.51 9.29 2.74
CA SER A 239 3.35 10.32 3.75
C SER A 239 4.01 9.88 5.07
N ALA A 240 3.80 8.63 5.48
CA ALA A 240 4.51 8.05 6.61
C ALA A 240 6.06 8.25 6.52
N VAL A 241 6.63 7.98 5.38
CA VAL A 241 8.06 8.14 5.17
C VAL A 241 8.47 9.61 5.02
N PHE A 242 7.58 10.43 4.47
CA PHE A 242 7.89 11.80 4.36
C PHE A 242 8.07 12.39 5.79
N PHE A 243 7.10 12.08 6.65
CA PHE A 243 7.07 12.55 8.01
C PHE A 243 8.21 11.95 8.86
N SER A 244 8.60 10.73 8.57
CA SER A 244 9.75 10.10 9.22
C SER A 244 11.01 10.90 8.89
N ALA A 245 11.26 11.16 7.61
CA ALA A 245 12.43 11.94 7.25
C ALA A 245 12.44 13.34 7.87
N LEU A 246 11.26 13.96 7.86
CA LEU A 246 11.07 15.25 8.45
C LEU A 246 11.39 15.24 9.97
N CYS A 247 10.84 14.26 10.69
CA CYS A 247 10.95 14.20 12.12
C CYS A 247 12.42 14.03 12.55
N MET A 248 13.24 13.39 11.72
CA MET A 248 14.68 13.26 12.03
C MET A 248 15.51 14.43 11.53
N ILE A 249 15.16 14.99 10.37
CA ILE A 249 15.89 16.17 9.83
C ILE A 249 15.82 17.41 10.78
N ILE A 250 14.77 17.50 11.60
CA ILE A 250 14.57 18.59 12.59
C ILE A 250 15.17 18.32 14.01
N THR A 251 15.64 17.11 14.25
CA THR A 251 16.06 16.63 15.55
C THR A 251 17.59 16.67 15.57
N GLY A 252 18.18 17.44 16.46
CA GLY A 252 19.62 17.69 16.46
C GLY A 252 19.96 18.91 15.65
N THR A 253 18.96 19.66 15.19
CA THR A 253 19.21 20.80 14.30
C THR A 253 18.37 22.00 14.67
N ILE A 254 17.09 21.96 14.36
CA ILE A 254 16.13 23.00 14.72
C ILE A 254 15.78 22.84 16.19
N TRP A 255 15.54 21.58 16.57
CA TRP A 255 15.26 21.19 17.93
C TRP A 255 16.25 20.13 18.40
N PHE A 256 16.83 20.36 19.59
CA PHE A 256 17.80 19.45 20.22
C PHE A 256 17.61 19.27 21.74
N ASP A 257 16.52 19.78 22.31
CA ASP A 257 16.26 19.64 23.73
C ASP A 257 15.30 18.45 23.94
N GLN A 258 14.66 18.31 25.09
CA GLN A 258 13.77 17.18 25.30
C GLN A 258 12.50 17.52 24.53
N TRP A 259 12.08 16.62 23.62
CA TRP A 259 10.83 16.85 22.83
C TRP A 259 9.56 17.12 23.68
N VAL A 260 9.40 16.50 24.85
CA VAL A 260 8.25 16.80 25.69
C VAL A 260 8.08 18.32 25.95
N ASP A 261 9.17 19.04 26.07
CA ASP A 261 9.07 20.45 26.49
C ASP A 261 8.62 21.35 25.34
N TRP A 262 8.72 20.88 24.09
CA TRP A 262 8.23 21.63 22.95
C TRP A 262 6.72 21.99 23.08
N TRP A 263 5.93 21.11 23.68
CA TRP A 263 4.49 21.27 23.82
C TRP A 263 4.08 22.40 24.76
N GLN A 264 5.04 22.95 25.49
CA GLN A 264 4.85 24.19 26.25
C GLN A 264 4.40 25.44 25.47
N TRP A 265 4.74 25.56 24.19
CA TRP A 265 4.27 26.72 23.39
C TRP A 265 2.73 26.86 23.51
N TRP A 266 2.02 25.73 23.38
CA TRP A 266 0.57 25.67 23.46
C TRP A 266 0.07 26.09 24.82
N VAL A 267 0.63 25.50 25.89
CA VAL A 267 0.11 25.78 27.24
C VAL A 267 0.46 27.22 27.71
N LYS A 268 1.52 27.80 27.16
CA LYS A 268 1.98 29.13 27.54
C LYS A 268 1.37 30.24 26.70
N LEU A 269 0.38 29.94 25.87
CA LEU A 269 -0.30 31.00 25.11
C LEU A 269 -1.03 31.94 26.09
N PRO A 270 -0.88 33.28 25.90
CA PRO A 270 -1.25 34.25 26.97
C PRO A 270 -2.73 34.18 27.42
N TRP A 271 -3.65 34.00 26.47
CA TRP A 271 -5.07 33.89 26.79
C TRP A 271 -5.48 32.79 27.79
N TRP A 272 -4.71 31.73 27.96
CA TRP A 272 -5.00 30.73 29.02
C TRP A 272 -3.85 30.30 29.93
N ALA A 273 -2.63 30.79 29.69
CA ALA A 273 -1.44 30.39 30.45
C ALA A 273 -1.64 30.48 31.95
N ASN A 274 -2.17 31.62 32.41
CA ASN A 274 -2.23 31.91 33.84
C ASN A 274 -3.55 31.53 34.56
N ILE A 275 -4.42 30.79 33.90
CA ILE A 275 -5.73 30.45 34.44
C ILE A 275 -5.57 29.25 35.36
N PRO A 276 -5.92 29.36 36.66
CA PRO A 276 -5.71 28.23 37.58
C PRO A 276 -6.51 26.96 37.27
N GLY A 277 -6.07 25.85 37.87
CA GLY A 277 -6.67 24.52 37.71
C GLY A 277 -6.09 23.74 36.54
N GLY A 278 -6.73 22.63 36.21
CA GLY A 278 -6.25 21.73 35.16
C GLY A 278 -5.03 20.95 35.60
N ILE A 279 -4.16 20.66 34.65
CA ILE A 279 -2.92 19.95 34.91
C ILE A 279 -1.75 20.93 35.01
N ASN A 280 -1.72 21.95 34.14
CA ASN A 280 -0.59 22.90 34.07
C ASN A 280 -0.78 24.23 34.83
N GLY A 281 -1.52 24.18 35.94
CA GLY A 281 -1.75 25.35 36.79
C GLY A 281 -2.51 25.00 38.06
N TYR B 3 0.38 13.02 -17.22
CA TYR B 3 -0.79 12.84 -16.28
C TYR B 3 -0.66 11.58 -15.42
N GLN B 4 -0.70 11.76 -14.10
CA GLN B 4 -0.29 10.72 -13.13
C GLN B 4 -1.43 9.96 -12.44
N ASN B 5 -2.66 10.41 -12.60
CA ASN B 5 -3.78 9.72 -11.97
C ASN B 5 -3.75 9.69 -10.44
N ILE B 6 -3.17 10.73 -9.80
CA ILE B 6 -3.29 10.88 -8.34
C ILE B 6 -4.62 11.60 -8.04
N PHE B 7 -4.93 12.61 -8.85
CA PHE B 7 -6.22 13.31 -8.77
C PHE B 7 -6.94 13.19 -10.10
N SER B 8 -8.25 13.02 -10.03
CA SER B 8 -9.10 12.98 -11.22
C SER B 8 -9.08 14.31 -11.96
N GLN B 9 -9.08 14.30 -13.29
CA GLN B 9 -9.19 15.56 -14.06
C GLN B 9 -10.63 16.07 -14.26
N VAL B 10 -11.60 15.17 -14.39
CA VAL B 10 -13.02 15.54 -14.55
C VAL B 10 -13.84 14.61 -13.69
N GLN B 11 -14.74 15.14 -12.87
CA GLN B 11 -15.67 14.27 -12.16
C GLN B 11 -16.96 14.16 -12.96
N VAL B 12 -17.62 13.03 -12.76
CA VAL B 12 -18.92 12.80 -13.30
C VAL B 12 -19.78 12.32 -12.16
N ARG B 13 -21.06 12.62 -12.30
CA ARG B 13 -22.02 12.19 -11.33
C ARG B 13 -23.29 11.80 -12.05
N GLY B 14 -23.99 10.83 -11.46
CA GLY B 14 -25.25 10.32 -11.93
C GLY B 14 -26.12 10.06 -10.72
N PRO B 15 -27.26 9.38 -10.92
CA PRO B 15 -28.15 9.08 -9.79
C PRO B 15 -27.41 8.39 -8.64
N ALA B 16 -27.73 8.74 -7.41
CA ALA B 16 -27.12 8.12 -6.26
C ALA B 16 -27.10 6.63 -6.46
N ASP B 17 -25.95 6.00 -6.19
CA ASP B 17 -25.87 4.55 -6.16
C ASP B 17 -26.32 4.04 -4.78
N LEU B 18 -27.38 3.26 -4.81
CA LEU B 18 -28.09 2.75 -3.64
C LEU B 18 -27.59 1.34 -3.31
N GLY B 19 -26.82 0.77 -4.22
CA GLY B 19 -26.05 -0.42 -3.94
C GLY B 19 -26.78 -1.70 -4.26
N MET B 20 -26.14 -2.81 -3.94
CA MET B 20 -26.69 -4.12 -4.19
C MET B 20 -27.54 -4.49 -3.01
N THR B 21 -28.43 -5.45 -3.26
CA THR B 21 -29.52 -5.78 -2.37
C THR B 21 -29.19 -7.08 -1.71
N GLU B 22 -29.04 -8.12 -2.52
CA GLU B 22 -28.70 -9.44 -2.02
C GLU B 22 -29.62 -9.78 -0.80
N ASP B 23 -29.09 -10.25 0.32
CA ASP B 23 -29.90 -10.59 1.47
C ASP B 23 -30.04 -9.48 2.50
N VAL B 24 -29.59 -8.28 2.15
CA VAL B 24 -29.63 -7.15 3.10
C VAL B 24 -31.06 -6.70 3.33
N ASN B 25 -31.39 -6.54 4.61
CA ASN B 25 -32.58 -5.83 5.03
C ASN B 25 -32.55 -4.34 4.68
N LEU B 26 -33.17 -3.98 3.54
CA LEU B 26 -33.31 -2.58 3.08
C LEU B 26 -33.97 -1.60 4.06
N ALA B 27 -34.80 -2.11 4.98
CA ALA B 27 -35.43 -1.26 6.01
C ALA B 27 -34.38 -0.48 6.79
N ASN B 28 -33.21 -1.11 7.02
CA ASN B 28 -32.11 -0.50 7.78
C ASN B 28 -31.09 0.37 7.02
N ARG B 29 -31.15 0.49 5.69
CA ARG B 29 -30.29 1.49 5.03
C ARG B 29 -30.94 2.85 5.05
N SER B 30 -30.13 3.88 5.32
CA SER B 30 -30.54 5.28 5.23
C SER B 30 -30.80 5.68 3.79
N GLY B 31 -31.11 6.96 3.60
CA GLY B 31 -31.02 7.58 2.29
C GLY B 31 -29.60 7.98 2.04
N VAL B 32 -29.30 8.26 0.78
CA VAL B 32 -27.98 8.70 0.40
C VAL B 32 -27.69 10.01 1.13
N GLY B 33 -26.44 10.26 1.50
CA GLY B 33 -26.04 11.55 2.10
C GLY B 33 -25.70 12.56 1.01
N PRO B 34 -25.08 13.69 1.36
CA PRO B 34 -24.63 14.62 0.33
C PRO B 34 -23.52 14.07 -0.58
N PHE B 35 -23.15 14.84 -1.59
CA PHE B 35 -22.08 14.50 -2.50
C PHE B 35 -20.96 15.50 -2.32
N SER B 36 -19.74 15.01 -2.06
CA SER B 36 -18.60 15.87 -1.78
C SER B 36 -17.70 15.90 -2.98
N THR B 37 -17.79 16.98 -3.71
CA THR B 37 -16.88 17.29 -4.79
C THR B 37 -15.43 17.28 -4.29
N LEU B 38 -15.21 17.71 -3.05
CA LEU B 38 -13.87 17.66 -2.49
C LEU B 38 -13.31 16.22 -2.53
N LEU B 39 -13.99 15.30 -1.86
CA LEU B 39 -13.63 13.88 -1.80
C LEU B 39 -13.47 13.24 -3.18
N GLY B 40 -14.34 13.63 -4.10
CA GLY B 40 -14.37 13.17 -5.47
C GLY B 40 -13.19 13.53 -6.34
N TRP B 41 -12.31 14.45 -5.92
CA TRP B 41 -11.05 14.61 -6.66
C TRP B 41 -10.11 13.38 -6.48
N PHE B 42 -10.30 12.63 -5.40
CA PHE B 42 -9.33 11.63 -4.96
C PHE B 42 -9.96 10.25 -4.99
N GLY B 43 -11.09 10.14 -4.29
CA GLY B 43 -11.92 8.95 -4.28
C GLY B 43 -13.29 9.28 -4.87
N ASN B 44 -14.31 8.68 -4.25
CA ASN B 44 -15.70 8.84 -4.67
C ASN B 44 -16.32 10.03 -3.94
N ALA B 45 -17.29 10.67 -4.60
CA ALA B 45 -18.00 11.86 -4.10
C ALA B 45 -19.22 11.53 -3.22
N GLN B 46 -19.82 10.37 -3.42
CA GLN B 46 -21.03 10.00 -2.72
C GLN B 46 -20.79 9.63 -1.26
N LEU B 47 -21.51 10.25 -0.34
CA LEU B 47 -21.54 9.84 1.06
C LEU B 47 -22.82 9.08 1.27
N GLY B 48 -22.78 8.09 2.17
CA GLY B 48 -23.91 7.18 2.40
C GLY B 48 -24.36 6.45 1.15
N PRO B 49 -25.46 5.69 1.22
CA PRO B 49 -26.17 5.39 2.47
C PRO B 49 -25.35 4.56 3.45
N ILE B 50 -25.77 4.58 4.70
CA ILE B 50 -25.18 3.72 5.71
C ILE B 50 -26.26 2.77 6.16
N TYR B 51 -25.86 1.60 6.61
CA TYR B 51 -26.75 0.61 7.19
C TYR B 51 -26.63 0.68 8.70
N LEU B 52 -27.76 0.73 9.39
CA LEU B 52 -27.74 0.81 10.83
C LEU B 52 -28.88 -0.02 11.41
N GLY B 53 -28.64 -1.34 11.54
CA GLY B 53 -29.51 -2.23 12.33
C GLY B 53 -29.28 -2.08 13.84
N SER B 54 -29.75 -3.03 14.64
CA SER B 54 -29.68 -2.94 16.13
C SER B 54 -28.27 -3.05 16.76
N LEU B 55 -27.48 -3.97 16.19
CA LEU B 55 -26.06 -4.16 16.54
C LEU B 55 -25.23 -2.89 16.26
N GLY B 56 -25.54 -2.18 15.18
CA GLY B 56 -24.90 -0.91 14.87
C GLY B 56 -25.25 0.22 15.83
N VAL B 57 -26.53 0.30 16.21
CA VAL B 57 -26.98 1.27 17.21
C VAL B 57 -26.26 0.98 18.51
N LEU B 58 -26.26 -0.29 18.93
CA LEU B 58 -25.54 -0.71 20.14
C LEU B 58 -24.08 -0.18 20.19
N SER B 59 -23.30 -0.57 19.18
CA SER B 59 -21.89 -0.21 18.97
C SER B 59 -21.68 1.30 18.97
N LEU B 60 -22.49 2.00 18.18
CA LEU B 60 -22.44 3.45 18.09
C LEU B 60 -22.82 4.13 19.42
N PHE B 61 -23.81 3.61 20.13
CA PHE B 61 -24.15 4.12 21.48
C PHE B 61 -22.98 3.93 22.44
N SER B 62 -22.42 2.70 22.48
CA SER B 62 -21.38 2.37 23.45
C SER B 62 -20.13 3.17 23.14
N GLY B 63 -19.78 3.24 21.87
CA GLY B 63 -18.61 3.97 21.45
C GLY B 63 -18.64 5.40 21.87
N LEU B 64 -19.80 6.04 21.76
CA LEU B 64 -20.02 7.43 22.24
C LEU B 64 -19.98 7.51 23.77
N MET B 65 -20.63 6.56 24.44
CA MET B 65 -20.53 6.48 25.92
C MET B 65 -19.09 6.33 26.48
N TRP B 66 -18.29 5.50 25.80
CA TRP B 66 -16.85 5.39 26.09
C TRP B 66 -16.18 6.75 25.93
N PHE B 67 -16.49 7.42 24.81
CA PHE B 67 -15.87 8.71 24.47
C PHE B 67 -16.31 9.82 25.42
N PHE B 68 -17.59 9.85 25.77
CA PHE B 68 -18.10 10.90 26.67
C PHE B 68 -17.59 10.69 28.09
N THR B 69 -17.53 9.44 28.56
CA THR B 69 -17.01 9.14 29.92
C THR B 69 -15.60 9.67 30.17
N ILE B 70 -14.76 9.56 29.14
CA ILE B 70 -13.42 10.11 29.19
C ILE B 70 -13.52 11.65 29.22
N GLY B 71 -14.39 12.19 28.37
CA GLY B 71 -14.65 13.63 28.33
C GLY B 71 -15.20 14.28 29.60
N ILE B 72 -16.20 13.66 30.23
CA ILE B 72 -16.72 14.16 31.52
C ILE B 72 -15.54 14.29 32.48
N TRP B 73 -14.73 13.23 32.58
CA TRP B 73 -13.55 13.21 33.43
C TRP B 73 -12.54 14.30 33.03
N PHE B 74 -12.31 14.49 31.74
CA PHE B 74 -11.39 15.55 31.30
C PHE B 74 -11.87 16.94 31.74
N TRP B 75 -13.17 17.22 31.53
CA TRP B 75 -13.80 18.47 31.97
C TRP B 75 -13.65 18.63 33.49
N TYR B 76 -13.99 17.58 34.24
CA TYR B 76 -13.75 17.58 35.67
C TYR B 76 -12.33 17.99 36.02
N GLN B 77 -11.35 17.31 35.42
CA GLN B 77 -9.92 17.61 35.67
C GLN B 77 -9.57 19.06 35.34
N ALA B 78 -10.25 19.63 34.34
CA ALA B 78 -10.07 21.03 33.94
C ALA B 78 -10.80 22.05 34.85
N GLY B 79 -11.43 21.59 35.93
CA GLY B 79 -12.27 22.41 36.76
C GLY B 79 -13.47 23.02 36.05
N TRP B 80 -13.95 22.35 35.00
CA TRP B 80 -15.07 22.83 34.16
C TRP B 80 -14.82 24.16 33.38
N ASN B 81 -13.58 24.63 33.36
CA ASN B 81 -13.19 25.84 32.63
C ASN B 81 -12.77 25.47 31.18
N PRO B 82 -13.52 25.93 30.16
CA PRO B 82 -13.20 25.61 28.77
C PRO B 82 -11.82 26.04 28.28
N ALA B 83 -11.31 27.18 28.74
CA ALA B 83 -9.95 27.60 28.39
C ALA B 83 -8.90 26.58 28.87
N VAL B 84 -9.09 26.08 30.10
CA VAL B 84 -8.20 25.09 30.72
C VAL B 84 -8.34 23.73 30.01
N PHE B 85 -9.57 23.37 29.65
CA PHE B 85 -9.87 22.14 28.91
C PHE B 85 -9.12 22.07 27.58
N LEU B 86 -9.15 23.14 26.80
CA LEU B 86 -8.38 23.18 25.56
C LEU B 86 -6.86 23.25 25.85
N ARG B 87 -6.48 24.00 26.88
CA ARG B 87 -5.06 24.16 27.18
C ARG B 87 -4.38 22.81 27.51
N ASP B 88 -5.05 22.04 28.35
CA ASP B 88 -4.48 20.85 28.97
C ASP B 88 -5.00 19.55 28.34
N LEU B 89 -5.61 19.65 27.16
CA LEU B 89 -6.36 18.56 26.55
C LEU B 89 -5.57 17.25 26.46
N PHE B 90 -4.34 17.37 26.00
CA PHE B 90 -3.43 16.22 25.86
C PHE B 90 -2.82 15.72 27.16
N PHE B 91 -2.96 16.47 28.25
CA PHE B 91 -2.37 16.11 29.57
C PHE B 91 -3.34 15.37 30.47
N PHE B 92 -4.62 15.42 30.15
CA PHE B 92 -5.63 14.75 30.96
C PHE B 92 -5.52 13.26 30.77
N SER B 93 -6.04 12.53 31.73
CA SER B 93 -5.96 11.07 31.70
C SER B 93 -7.01 10.47 32.62
N LEU B 94 -7.82 9.59 32.06
CA LEU B 94 -8.67 8.70 32.86
C LEU B 94 -7.85 7.43 33.09
N GLU B 95 -7.41 7.21 34.34
CA GLU B 95 -6.41 6.18 34.70
C GLU B 95 -7.09 4.96 35.35
N PRO B 96 -6.56 3.73 35.13
CA PRO B 96 -7.20 2.54 35.70
C PRO B 96 -7.03 2.48 37.21
N PRO B 97 -7.72 1.52 37.88
CA PRO B 97 -7.52 1.40 39.33
C PRO B 97 -6.07 1.13 39.71
N ALA B 98 -5.70 1.56 40.91
CA ALA B 98 -4.41 1.25 41.53
C ALA B 98 -4.17 -0.29 41.67
N PRO B 99 -2.89 -0.73 41.78
CA PRO B 99 -2.65 -2.17 41.95
C PRO B 99 -3.41 -2.86 43.11
N GLU B 100 -3.54 -2.19 44.26
CA GLU B 100 -4.18 -2.80 45.45
C GLU B 100 -5.62 -3.34 45.26
N TYR B 101 -6.39 -2.79 44.34
CA TYR B 101 -7.74 -3.32 44.04
C TYR B 101 -7.75 -4.56 43.13
N GLY B 102 -6.56 -4.99 42.70
CA GLY B 102 -6.41 -6.18 41.87
C GLY B 102 -7.30 -6.11 40.64
N LEU B 103 -8.08 -7.18 40.44
CA LEU B 103 -9.05 -7.33 39.36
C LEU B 103 -10.49 -7.06 39.82
N SER B 104 -10.67 -6.41 40.97
CA SER B 104 -12.02 -6.17 41.50
C SER B 104 -12.62 -4.92 40.89
N PHE B 105 -13.94 -4.81 41.07
CA PHE B 105 -14.72 -3.65 40.65
C PHE B 105 -15.04 -2.74 41.87
N ALA B 106 -14.29 -2.89 42.95
CA ALA B 106 -14.57 -2.20 44.20
C ALA B 106 -14.00 -0.75 44.29
N ALA B 107 -13.21 -0.34 43.29
CA ALA B 107 -12.52 0.97 43.34
C ALA B 107 -13.50 2.15 43.22
N PRO B 108 -13.21 3.29 43.89
CA PRO B 108 -14.08 4.46 43.70
C PRO B 108 -14.11 5.00 42.27
N LEU B 109 -15.27 5.51 41.87
CA LEU B 109 -15.47 6.18 40.59
C LEU B 109 -14.30 7.10 40.19
N LYS B 110 -13.82 7.93 41.10
CA LYS B 110 -12.78 8.91 40.79
C LYS B 110 -11.38 8.32 40.62
N GLU B 111 -11.15 7.10 41.11
CA GLU B 111 -9.82 6.53 41.25
C GLU B 111 -9.78 5.11 40.70
N GLY B 112 -10.31 4.94 39.49
CA GLY B 112 -10.33 3.65 38.82
C GLY B 112 -11.68 3.25 38.27
N GLY B 113 -12.75 3.54 39.01
CA GLY B 113 -14.10 3.12 38.62
C GLY B 113 -14.65 3.68 37.30
N LEU B 114 -14.39 4.96 37.01
CA LEU B 114 -14.77 5.57 35.73
C LEU B 114 -14.01 4.96 34.53
N TRP B 115 -12.79 4.49 34.80
CA TRP B 115 -11.99 3.81 33.81
C TRP B 115 -12.64 2.48 33.47
N LEU B 116 -13.16 1.76 34.47
CA LEU B 116 -13.81 0.46 34.18
C LEU B 116 -15.09 0.70 33.42
N ILE B 117 -15.81 1.77 33.75
CA ILE B 117 -17.02 2.05 33.03
C ILE B 117 -16.72 2.36 31.56
N ALA B 118 -15.76 3.24 31.31
CA ALA B 118 -15.35 3.63 29.96
C ALA B 118 -14.85 2.41 29.16
N SER B 119 -13.97 1.62 29.78
CA SER B 119 -13.50 0.34 29.25
C SER B 119 -14.63 -0.68 28.97
N PHE B 120 -15.64 -0.76 29.84
CA PHE B 120 -16.76 -1.69 29.58
C PHE B 120 -17.46 -1.27 28.28
N PHE B 121 -17.70 0.04 28.14
CA PHE B 121 -18.36 0.58 26.94
C PHE B 121 -17.50 0.36 25.66
N MET B 122 -16.18 0.44 25.80
CA MET B 122 -15.27 0.21 24.68
C MET B 122 -15.34 -1.24 24.20
N PHE B 123 -15.31 -2.16 25.17
CA PHE B 123 -15.48 -3.62 24.97
C PHE B 123 -16.75 -3.91 24.18
N VAL B 124 -17.86 -3.33 24.58
CA VAL B 124 -19.14 -3.53 23.85
C VAL B 124 -19.13 -2.89 22.44
N ALA B 125 -18.51 -1.72 22.33
CA ALA B 125 -18.41 -1.02 21.06
C ALA B 125 -17.63 -1.84 19.97
N VAL B 126 -16.51 -2.42 20.37
CA VAL B 126 -15.61 -3.12 19.47
C VAL B 126 -16.15 -4.50 19.03
N TRP B 127 -16.59 -5.31 19.99
CA TRP B 127 -17.06 -6.67 19.66
C TRP B 127 -18.32 -6.60 18.78
N SER B 128 -19.25 -5.72 19.11
CA SER B 128 -20.46 -5.56 18.32
C SER B 128 -20.12 -4.97 16.95
N TRP B 129 -19.14 -4.09 16.88
CA TRP B 129 -18.63 -3.62 15.57
C TRP B 129 -17.94 -4.75 14.78
N TRP B 130 -17.21 -5.62 15.47
CA TRP B 130 -16.71 -6.88 14.88
C TRP B 130 -17.88 -7.72 14.34
N GLY B 131 -18.94 -7.92 15.13
CA GLY B 131 -20.07 -8.73 14.66
C GLY B 131 -20.73 -8.14 13.40
N ARG B 132 -20.85 -6.82 13.41
CA ARG B 132 -21.38 -6.07 12.29
C ARG B 132 -20.53 -6.31 11.02
N THR B 133 -19.21 -6.28 11.17
CA THR B 133 -18.27 -6.57 10.08
C THR B 133 -18.53 -7.95 9.41
N TYR B 134 -18.80 -8.98 10.20
CA TYR B 134 -19.09 -10.31 9.70
C TYR B 134 -20.48 -10.32 9.01
N LEU B 135 -21.48 -9.73 9.71
CA LEU B 135 -22.86 -9.79 9.34
C LEU B 135 -23.13 -9.03 8.06
N ARG B 136 -22.54 -7.85 7.90
CA ARG B 136 -22.65 -7.08 6.64
C ARG B 136 -22.07 -7.83 5.43
N ALA B 137 -20.97 -8.59 5.64
CA ALA B 137 -20.41 -9.47 4.60
C ALA B 137 -21.34 -10.65 4.25
N GLN B 138 -21.96 -11.21 5.27
CA GLN B 138 -22.88 -12.34 5.13
C GLN B 138 -24.13 -11.95 4.32
N ALA B 139 -24.69 -10.77 4.61
CA ALA B 139 -25.87 -10.32 3.90
C ALA B 139 -25.58 -10.15 2.42
N LEU B 140 -24.33 -9.89 2.03
CA LEU B 140 -23.96 -9.70 0.61
C LEU B 140 -23.35 -10.93 -0.07
N GLY B 141 -23.18 -12.02 0.67
CA GLY B 141 -22.70 -13.29 0.07
C GLY B 141 -21.18 -13.39 -0.01
N MET B 142 -20.50 -12.45 0.66
CA MET B 142 -19.05 -12.26 0.62
C MET B 142 -18.39 -13.07 1.69
N GLY B 143 -17.12 -13.36 1.44
CA GLY B 143 -16.30 -14.09 2.43
C GLY B 143 -16.06 -13.19 3.63
N LYS B 144 -15.49 -13.78 4.67
CA LYS B 144 -15.40 -13.15 5.98
C LYS B 144 -14.06 -12.57 6.31
N HIS B 145 -13.31 -12.22 5.26
CA HIS B 145 -11.91 -11.85 5.36
C HIS B 145 -11.76 -10.58 6.18
N THR B 146 -12.64 -9.61 5.92
CA THR B 146 -12.64 -8.35 6.66
C THR B 146 -12.76 -8.62 8.20
N ALA B 147 -13.69 -9.49 8.60
CA ALA B 147 -13.87 -9.81 10.03
C ALA B 147 -12.73 -10.61 10.60
N TRP B 148 -12.20 -11.54 9.84
CA TRP B 148 -11.00 -12.26 10.30
C TRP B 148 -9.76 -11.34 10.41
N ALA B 149 -9.61 -10.41 9.47
CA ALA B 149 -8.53 -9.43 9.52
C ALA B 149 -8.70 -8.50 10.70
N PHE B 150 -9.94 -8.04 10.92
CA PHE B 150 -10.23 -7.10 12.06
C PHE B 150 -9.94 -7.80 13.40
N LEU B 151 -10.15 -9.09 13.45
CA LEU B 151 -9.88 -9.87 14.63
C LEU B 151 -8.40 -9.78 15.11
N SER B 152 -7.47 -9.65 14.17
CA SER B 152 -6.04 -9.48 14.52
C SER B 152 -5.75 -8.16 15.23
N ALA B 153 -6.43 -7.09 14.81
CA ALA B 153 -6.27 -5.80 15.51
C ALA B 153 -6.95 -5.86 16.89
N ILE B 154 -8.09 -6.56 16.95
CA ILE B 154 -8.80 -6.75 18.19
C ILE B 154 -7.92 -7.49 19.17
N TRP B 155 -7.10 -8.41 18.65
CA TRP B 155 -6.22 -9.25 19.47
C TRP B 155 -5.24 -8.37 20.27
N LEU B 156 -4.50 -7.47 19.61
CA LEU B 156 -3.61 -6.54 20.33
C LEU B 156 -4.35 -5.71 21.36
N TRP B 157 -5.47 -5.10 20.97
CA TRP B 157 -6.32 -4.33 21.86
C TRP B 157 -6.77 -5.12 23.11
N MET B 158 -7.25 -6.35 22.91
CA MET B 158 -7.71 -7.22 24.00
C MET B 158 -6.58 -7.61 24.92
N VAL B 159 -5.42 -7.88 24.31
CA VAL B 159 -4.21 -8.17 25.07
C VAL B 159 -3.84 -6.99 25.93
N LEU B 160 -3.81 -5.78 25.36
CA LEU B 160 -3.35 -4.59 26.09
C LEU B 160 -4.23 -4.24 27.30
N GLY B 161 -5.53 -4.34 27.15
CA GLY B 161 -6.47 -3.82 28.13
C GLY B 161 -7.25 -4.83 28.96
N PHE B 162 -7.26 -6.10 28.53
CA PHE B 162 -8.09 -7.14 29.13
C PHE B 162 -7.36 -8.44 29.49
N ILE B 163 -6.84 -9.16 28.49
CA ILE B 163 -6.20 -10.47 28.71
C ILE B 163 -4.94 -10.32 29.57
N ARG B 164 -4.06 -9.40 29.22
CA ARG B 164 -2.81 -9.25 29.98
C ARG B 164 -3.07 -8.65 31.36
N PRO B 165 -3.96 -7.63 31.47
CA PRO B 165 -4.31 -7.28 32.86
C PRO B 165 -4.83 -8.44 33.72
N ILE B 166 -5.65 -9.33 33.16
CA ILE B 166 -6.21 -10.45 33.92
C ILE B 166 -5.11 -11.39 34.41
N LEU B 167 -4.32 -11.90 33.48
CA LEU B 167 -3.18 -12.76 33.79
C LEU B 167 -2.17 -12.15 34.76
N MET B 168 -1.97 -10.83 34.73
CA MET B 168 -1.07 -10.16 35.68
C MET B 168 -1.67 -9.92 37.07
N GLY B 169 -2.98 -10.15 37.25
CA GLY B 169 -3.65 -9.94 38.52
C GLY B 169 -4.24 -8.57 38.83
N SER B 170 -4.20 -7.59 37.91
CA SER B 170 -4.79 -6.26 38.19
C SER B 170 -5.02 -5.35 36.97
N TRP B 171 -6.05 -4.50 37.10
CA TRP B 171 -6.44 -3.55 36.05
C TRP B 171 -5.43 -2.40 35.92
N SER B 172 -4.57 -2.19 36.92
CA SER B 172 -3.53 -1.16 36.87
C SER B 172 -2.50 -1.34 35.73
N GLU B 173 -2.42 -2.56 35.19
CA GLU B 173 -1.56 -2.87 34.07
C GLU B 173 -2.10 -2.33 32.75
N ALA B 174 -3.41 -2.09 32.67
CA ALA B 174 -4.04 -1.61 31.42
C ALA B 174 -3.68 -0.19 31.05
N VAL B 175 -3.99 0.18 29.81
CA VAL B 175 -3.62 1.48 29.25
C VAL B 175 -4.62 2.54 29.70
N PRO B 176 -4.12 3.71 30.18
CA PRO B 176 -5.02 4.81 30.52
C PRO B 176 -5.56 5.54 29.29
N TYR B 177 -6.69 6.21 29.44
CA TYR B 177 -7.28 6.99 28.33
C TYR B 177 -6.76 8.42 28.42
N GLY B 178 -5.77 8.72 27.58
CA GLY B 178 -5.22 10.08 27.46
C GLY B 178 -4.23 10.13 26.32
N ILE B 179 -4.07 11.29 25.71
CA ILE B 179 -3.17 11.39 24.59
C ILE B 179 -1.70 11.23 25.03
N PHE B 180 -1.22 12.09 25.92
CA PHE B 180 0.15 11.96 26.38
C PHE B 180 0.30 10.75 27.32
N SER B 181 -0.72 10.44 28.12
CA SER B 181 -0.55 9.43 29.15
C SER B 181 -0.34 8.03 28.50
N HIS B 182 -1.10 7.72 27.46
CA HIS B 182 -0.91 6.42 26.79
C HIS B 182 0.46 6.30 26.11
N LEU B 183 1.04 7.42 25.71
CA LEU B 183 2.43 7.43 25.23
C LEU B 183 3.43 7.14 26.34
N ASP B 184 3.25 7.77 27.50
CA ASP B 184 4.08 7.50 28.69
C ASP B 184 3.99 6.04 29.16
N TRP B 185 2.76 5.49 29.14
CA TRP B 185 2.52 4.07 29.43
C TRP B 185 3.35 3.17 28.48
N THR B 186 3.29 3.46 27.19
CA THR B 186 4.04 2.72 26.19
C THR B 186 5.56 2.75 26.45
N ASN B 187 6.06 3.93 26.72
CA ASN B 187 7.47 4.10 27.06
C ASN B 187 7.83 3.36 28.34
N ASN B 188 7.00 3.52 29.37
CA ASN B 188 7.24 2.87 30.63
C ASN B 188 7.24 1.34 30.47
N PHE B 189 6.35 0.83 29.64
CA PHE B 189 6.22 -0.60 29.45
C PHE B 189 7.49 -1.22 28.89
N SER B 190 8.13 -0.53 27.95
CA SER B 190 9.37 -1.02 27.39
C SER B 190 10.51 -0.99 28.42
N LEU B 191 10.61 0.10 29.18
CA LEU B 191 11.64 0.27 30.25
C LEU B 191 11.53 -0.81 31.34
N VAL B 192 10.30 -1.03 31.79
CA VAL B 192 9.98 -2.02 32.81
C VAL B 192 10.24 -3.46 32.31
N HIS B 193 10.10 -3.72 31.00
CA HIS B 193 10.31 -5.08 30.47
C HIS B 193 11.65 -5.30 29.79
N GLY B 194 12.62 -4.46 30.11
CA GLY B 194 14.00 -4.67 29.70
C GLY B 194 14.31 -4.31 28.26
N ASN B 195 13.53 -3.36 27.73
CA ASN B 195 13.65 -2.86 26.36
C ASN B 195 13.01 -3.77 25.28
N LEU B 196 11.89 -3.30 24.70
CA LEU B 196 11.12 -4.12 23.75
C LEU B 196 11.85 -4.39 22.46
N PHE B 197 12.85 -3.61 22.13
CA PHE B 197 13.71 -3.99 20.99
C PHE B 197 14.37 -5.37 21.12
N TYR B 198 14.41 -5.98 22.31
CA TYR B 198 14.95 -7.33 22.50
C TYR B 198 13.83 -8.38 22.54
N ASN B 199 12.58 -7.94 22.43
CA ASN B 199 11.45 -8.86 22.22
C ASN B 199 11.37 -9.30 20.73
N PRO B 200 11.56 -10.59 20.42
CA PRO B 200 11.59 -10.97 18.99
C PRO B 200 10.28 -10.73 18.29
N PHE B 201 9.17 -10.86 19.00
CA PHE B 201 7.88 -10.53 18.50
C PHE B 201 7.64 -9.07 18.18
N HIS B 202 8.20 -8.16 19.00
CA HIS B 202 8.16 -6.75 18.71
C HIS B 202 8.96 -6.44 17.43
N GLY B 203 10.15 -7.03 17.31
CA GLY B 203 10.95 -6.86 16.08
C GLY B 203 10.26 -7.33 14.78
N LEU B 204 9.45 -8.38 14.90
CA LEU B 204 8.70 -8.94 13.77
C LEU B 204 7.53 -7.98 13.43
N SER B 205 6.87 -7.53 14.46
CA SER B 205 5.83 -6.54 14.32
C SER B 205 6.37 -5.29 13.55
N ILE B 206 7.51 -4.81 13.92
CA ILE B 206 8.13 -3.75 13.15
C ILE B 206 8.35 -4.16 11.67
N ALA B 207 8.86 -5.37 11.44
CA ALA B 207 9.16 -5.80 10.06
C ALA B 207 7.87 -5.74 9.23
N PHE B 208 6.75 -6.19 9.83
CA PHE B 208 5.48 -6.18 9.18
C PHE B 208 4.86 -4.78 8.98
N LEU B 209 5.08 -3.85 9.94
CA LEU B 209 4.57 -2.51 9.87
C LEU B 209 5.33 -1.78 8.79
N TYR B 210 6.64 -1.87 8.83
CA TYR B 210 7.47 -1.35 7.74
C TYR B 210 7.06 -2.01 6.36
N GLY B 211 6.85 -3.33 6.37
CA GLY B 211 6.53 -4.09 5.18
C GLY B 211 5.19 -3.73 4.56
N SER B 212 4.21 -3.40 5.41
CA SER B 212 2.92 -2.88 4.96
C SER B 212 3.06 -1.58 4.18
N ALA B 213 3.98 -0.74 4.58
CA ALA B 213 4.18 0.52 3.88
C ALA B 213 4.91 0.24 2.57
N LEU B 214 5.96 -0.55 2.66
CA LEU B 214 6.64 -1.04 1.46
C LEU B 214 5.62 -1.62 0.48
N LEU B 215 4.75 -2.51 0.98
CA LEU B 215 3.93 -3.27 0.14
C LEU B 215 2.79 -2.45 -0.49
N PHE B 216 2.19 -1.53 0.28
CA PHE B 216 1.07 -0.79 -0.25
C PHE B 216 1.67 0.29 -1.17
N ALA B 217 2.91 0.71 -0.93
CA ALA B 217 3.56 1.63 -1.92
C ALA B 217 3.82 0.90 -3.27
N MET B 218 4.43 -0.26 -3.18
CA MET B 218 4.58 -1.13 -4.35
C MET B 218 3.25 -1.31 -5.12
N HIS B 219 2.23 -1.71 -4.37
CA HIS B 219 1.02 -2.18 -4.94
C HIS B 219 0.21 -0.98 -5.48
N GLY B 220 0.07 0.06 -4.64
CA GLY B 220 -0.66 1.26 -5.04
C GLY B 220 0.01 1.86 -6.27
N ALA B 221 1.34 1.97 -6.26
CA ALA B 221 2.06 2.57 -7.41
C ALA B 221 1.86 1.69 -8.65
N THR B 222 1.90 0.37 -8.44
CA THR B 222 1.85 -0.61 -9.51
C THR B 222 0.49 -0.45 -10.25
N ILE B 223 -0.62 -0.47 -9.48
CA ILE B 223 -1.97 -0.34 -9.99
C ILE B 223 -2.20 1.01 -10.65
N LEU B 224 -1.80 2.08 -10.01
CA LEU B 224 -1.71 3.37 -10.71
C LEU B 224 -0.88 3.34 -11.98
N ALA B 225 0.30 2.73 -11.97
CA ALA B 225 1.10 2.62 -13.25
C ALA B 225 0.42 1.84 -14.38
N VAL B 226 -0.45 0.87 -14.04
CA VAL B 226 -1.15 0.14 -15.06
C VAL B 226 -2.64 0.55 -15.21
N SER B 227 -3.06 1.67 -14.62
CA SER B 227 -4.46 2.10 -14.70
C SER B 227 -4.86 2.58 -16.12
N ARG B 228 -3.90 2.95 -16.95
CA ARG B 228 -4.07 3.26 -18.36
C ARG B 228 -4.51 2.01 -19.20
N PHE B 229 -4.52 0.82 -18.56
CA PHE B 229 -5.06 -0.42 -19.12
C PHE B 229 -6.14 -1.00 -18.20
N GLY B 230 -6.71 -0.19 -17.34
CA GLY B 230 -7.83 -0.70 -16.51
C GLY B 230 -7.46 -1.54 -15.31
N GLY B 231 -6.16 -1.49 -14.92
CA GLY B 231 -5.61 -2.20 -13.78
C GLY B 231 -6.43 -2.26 -12.51
N GLU B 232 -7.12 -1.18 -12.19
CA GLU B 232 -7.82 -1.06 -10.91
C GLU B 232 -9.06 -1.92 -10.84
N ARG B 233 -9.48 -2.43 -12.02
CA ARG B 233 -10.61 -3.33 -12.11
C ARG B 233 -10.14 -4.72 -11.75
N GLU B 234 -9.81 -4.85 -10.49
CA GLU B 234 -9.07 -6.02 -10.07
C GLU B 234 -9.84 -7.34 -10.17
N LEU B 235 -11.15 -7.30 -9.86
CA LEU B 235 -11.96 -8.54 -9.93
C LEU B 235 -12.01 -9.09 -11.34
N GLU B 236 -12.16 -8.23 -12.31
CA GLU B 236 -12.28 -8.69 -13.70
C GLU B 236 -10.90 -9.07 -14.25
N GLN B 237 -9.82 -8.41 -13.79
CA GLN B 237 -8.48 -8.86 -14.11
C GLN B 237 -8.18 -10.27 -13.53
N ILE B 238 -8.77 -10.59 -12.37
CA ILE B 238 -8.70 -11.92 -11.79
C ILE B 238 -9.44 -12.93 -12.62
N ALA B 239 -10.65 -12.59 -13.01
CA ALA B 239 -11.51 -13.52 -13.73
C ALA B 239 -11.03 -13.70 -15.14
N ASP B 240 -10.33 -12.72 -15.69
CA ASP B 240 -9.99 -12.68 -17.12
C ASP B 240 -8.74 -11.80 -17.28
N ARG B 241 -7.58 -12.39 -17.05
CA ARG B 241 -6.29 -11.63 -17.09
C ARG B 241 -6.15 -10.68 -18.30
N GLY B 242 -5.86 -9.38 -18.01
CA GLY B 242 -5.60 -8.37 -19.06
C GLY B 242 -4.15 -7.99 -19.18
N THR B 243 -3.83 -7.17 -20.15
CA THR B 243 -2.45 -6.65 -20.29
C THR B 243 -1.98 -5.78 -19.07
N ALA B 244 -2.91 -5.17 -18.34
CA ALA B 244 -2.63 -4.51 -17.05
C ALA B 244 -1.97 -5.47 -16.08
N ALA B 245 -2.62 -6.62 -15.88
CA ALA B 245 -2.15 -7.56 -14.88
C ALA B 245 -0.81 -8.20 -15.34
N GLU B 246 -0.62 -8.32 -16.65
CA GLU B 246 0.61 -8.94 -17.19
C GLU B 246 1.75 -8.00 -17.05
N ARG B 247 1.52 -6.72 -17.38
CA ARG B 247 2.59 -5.71 -17.28
C ARG B 247 3.01 -5.48 -15.83
N ALA B 248 2.05 -5.48 -14.93
CA ALA B 248 2.32 -5.38 -13.49
C ALA B 248 3.25 -6.50 -13.01
N ALA B 249 2.83 -7.74 -13.29
CA ALA B 249 3.64 -8.93 -12.91
C ALA B 249 5.05 -8.87 -13.47
N LEU B 250 5.13 -8.44 -14.73
CA LEU B 250 6.39 -8.44 -15.40
C LEU B 250 7.28 -7.32 -14.94
N PHE B 251 6.69 -6.18 -14.52
CA PHE B 251 7.54 -5.17 -13.95
C PHE B 251 8.33 -5.81 -12.80
N TRP B 252 7.64 -6.52 -11.91
CA TRP B 252 8.25 -7.11 -10.74
C TRP B 252 9.14 -8.32 -11.03
N ARG B 253 8.76 -9.12 -12.05
CA ARG B 253 9.53 -10.27 -12.39
C ARG B 253 10.88 -9.77 -12.86
N TRP B 254 10.86 -8.78 -13.74
CA TRP B 254 12.09 -8.20 -14.31
C TRP B 254 12.94 -7.46 -13.28
N THR B 255 12.32 -6.82 -12.32
CA THR B 255 13.03 -6.12 -11.23
C THR B 255 13.67 -7.08 -10.18
N MET B 256 12.84 -7.85 -9.49
CA MET B 256 13.23 -8.67 -8.38
C MET B 256 13.16 -10.15 -8.60
N GLY B 257 12.79 -10.61 -9.79
CA GLY B 257 12.90 -12.03 -10.11
C GLY B 257 11.70 -12.93 -9.85
N PHE B 258 10.66 -12.37 -9.28
CA PHE B 258 9.41 -13.05 -9.07
C PHE B 258 8.28 -12.05 -9.00
N ASN B 259 7.07 -12.58 -8.93
CA ASN B 259 5.92 -11.76 -9.03
C ASN B 259 4.68 -12.41 -8.44
N ALA B 260 3.60 -11.66 -8.48
CA ALA B 260 2.37 -12.02 -7.91
C ALA B 260 1.34 -12.17 -9.07
N THR B 261 0.14 -12.54 -8.67
CA THR B 261 -1.04 -12.41 -9.49
C THR B 261 -1.91 -11.26 -8.95
N MET B 262 -2.94 -10.93 -9.73
CA MET B 262 -3.90 -9.94 -9.36
C MET B 262 -4.72 -10.39 -8.17
N GLU B 263 -5.04 -11.68 -8.02
CA GLU B 263 -5.66 -12.12 -6.76
C GLU B 263 -4.56 -12.29 -5.67
N GLY B 264 -3.46 -12.91 -6.04
CA GLY B 264 -2.44 -13.24 -5.03
C GLY B 264 -1.76 -12.07 -4.31
N ILE B 265 -1.59 -10.92 -4.97
CA ILE B 265 -1.08 -9.72 -4.31
C ILE B 265 -1.93 -9.35 -3.09
N HIS B 266 -3.23 -9.60 -3.20
CA HIS B 266 -4.13 -9.31 -2.08
C HIS B 266 -3.97 -10.27 -0.94
N ARG B 267 -3.49 -11.46 -1.20
CA ARG B 267 -3.17 -12.38 -0.10
C ARG B 267 -1.87 -12.03 0.66
N TRP B 268 -0.82 -11.67 -0.10
CA TRP B 268 0.37 -11.00 0.47
C TRP B 268 -0.07 -9.76 1.28
N ALA B 269 -0.92 -8.92 0.72
CA ALA B 269 -1.42 -7.76 1.43
C ALA B 269 -2.10 -8.09 2.72
N ILE B 270 -3.16 -8.92 2.72
CA ILE B 270 -3.91 -9.11 3.94
C ILE B 270 -3.03 -9.64 5.02
N TRP B 271 -2.06 -10.50 4.67
CA TRP B 271 -1.20 -11.12 5.67
C TRP B 271 -0.07 -10.20 6.20
N MET B 272 0.58 -9.45 5.32
CA MET B 272 1.61 -8.48 5.72
C MET B 272 1.02 -7.62 6.83
N ALA B 273 -0.20 -7.13 6.60
CA ALA B 273 -0.90 -6.25 7.51
C ALA B 273 -1.35 -6.93 8.80
N VAL B 274 -2.05 -8.03 8.71
CA VAL B 274 -2.53 -8.81 9.86
C VAL B 274 -1.45 -9.29 10.85
N LEU B 275 -0.23 -9.54 10.34
CA LEU B 275 0.84 -10.11 11.16
C LEU B 275 1.48 -9.02 12.03
N VAL B 276 1.19 -7.76 11.70
CA VAL B 276 1.56 -6.64 12.54
C VAL B 276 1.02 -6.84 13.94
N THR B 277 -0.30 -6.88 14.06
CA THR B 277 -0.94 -7.04 15.33
C THR B 277 -0.99 -8.44 15.84
N LEU B 278 -0.75 -9.45 15.00
CA LEU B 278 -0.76 -10.81 15.47
C LEU B 278 0.48 -11.05 16.34
N THR B 279 1.61 -10.75 15.73
CA THR B 279 2.89 -10.91 16.39
C THR B 279 2.99 -9.94 17.52
N GLY B 280 2.54 -8.71 17.29
CA GLY B 280 2.56 -7.69 18.30
C GLY B 280 1.81 -8.14 19.56
N GLY B 281 0.60 -8.64 19.41
CA GLY B 281 -0.16 -9.10 20.55
C GLY B 281 0.50 -10.24 21.32
N ILE B 282 1.26 -11.10 20.65
CA ILE B 282 1.94 -12.19 21.30
C ILE B 282 3.11 -11.61 22.18
N GLY B 283 3.98 -10.83 21.55
CA GLY B 283 5.01 -10.09 22.23
C GLY B 283 4.59 -9.35 23.48
N ILE B 284 3.44 -8.69 23.43
CA ILE B 284 2.88 -8.01 24.61
C ILE B 284 2.35 -9.01 25.64
N LEU B 285 1.61 -10.04 25.23
CA LEU B 285 1.02 -10.99 26.19
C LEU B 285 2.09 -11.71 27.01
N LEU B 286 3.20 -12.03 26.36
CA LEU B 286 4.33 -12.72 27.01
C LEU B 286 5.09 -11.82 27.96
N SER B 287 4.90 -10.50 27.85
CA SER B 287 5.72 -9.55 28.61
C SER B 287 5.17 -9.44 30.01
N GLY B 288 5.98 -9.90 30.98
CA GLY B 288 5.65 -9.84 32.41
C GLY B 288 4.72 -10.95 32.87
N THR B 289 4.20 -11.75 31.95
CA THR B 289 3.53 -13.00 32.32
C THR B 289 4.57 -14.12 32.39
N VAL B 290 5.39 -14.19 31.33
CA VAL B 290 6.41 -15.23 31.11
C VAL B 290 7.82 -14.66 31.13
N VAL B 291 8.01 -13.46 30.58
CA VAL B 291 9.33 -12.83 30.45
C VAL B 291 9.28 -11.46 31.13
N ASP B 292 10.16 -11.26 32.11
CA ASP B 292 10.22 -10.01 32.84
C ASP B 292 11.16 -9.04 32.22
N ASN B 293 12.13 -9.52 31.45
CA ASN B 293 13.14 -8.65 30.92
C ASN B 293 13.61 -9.26 29.58
N TRP B 294 13.40 -8.54 28.50
CA TRP B 294 13.72 -9.12 27.18
C TRP B 294 15.22 -9.14 26.91
N TYR B 295 15.96 -8.18 27.44
CA TYR B 295 17.43 -8.27 27.41
C TYR B 295 17.90 -9.62 28.00
N VAL B 296 17.34 -9.95 29.17
CA VAL B 296 17.75 -11.07 29.94
C VAL B 296 17.40 -12.37 29.24
N TRP B 297 16.13 -12.50 28.85
CA TRP B 297 15.66 -13.63 28.09
C TRP B 297 16.54 -13.82 26.86
N GLY B 298 16.79 -12.73 26.14
CA GLY B 298 17.64 -12.77 24.95
C GLY B 298 19.04 -13.29 25.20
N GLN B 299 19.59 -13.04 26.38
CA GLN B 299 20.92 -13.56 26.73
C GLN B 299 20.97 -15.07 26.89
N ASN B 300 19.88 -15.65 27.37
CA ASN B 300 19.70 -17.11 27.43
C ASN B 300 19.16 -17.72 26.14
N HIS B 301 19.00 -16.90 25.10
CA HIS B 301 18.14 -17.15 23.94
C HIS B 301 16.73 -17.64 24.24
N GLY B 302 16.39 -17.78 25.53
CA GLY B 302 15.22 -18.54 25.94
C GLY B 302 15.10 -18.75 27.42
N ASP C 11 10.90 -22.96 28.08
CA ASP C 11 10.42 -21.54 28.06
C ASP C 11 9.36 -21.24 26.97
N LEU C 12 8.21 -20.71 27.40
CA LEU C 12 7.05 -20.47 26.54
C LEU C 12 7.30 -19.45 25.41
N ALA C 13 8.08 -18.42 25.69
CA ALA C 13 8.45 -17.48 24.64
C ALA C 13 9.34 -18.12 23.54
N SER C 14 10.31 -18.95 23.93
CA SER C 14 11.12 -19.73 22.99
C SER C 14 10.30 -20.65 22.11
N LEU C 15 9.29 -21.29 22.70
CA LEU C 15 8.38 -22.14 21.93
C LEU C 15 7.53 -21.32 20.95
N ALA C 16 7.09 -20.14 21.39
CA ALA C 16 6.29 -19.28 20.57
C ALA C 16 7.07 -18.81 19.33
N ILE C 17 8.30 -18.39 19.52
CA ILE C 17 9.07 -17.79 18.43
C ILE C 17 9.48 -18.83 17.39
N TYR C 18 9.87 -20.00 17.90
CA TYR C 18 10.22 -21.16 17.09
C TYR C 18 9.01 -21.57 16.26
N SER C 19 7.86 -21.74 16.92
CA SER C 19 6.63 -22.10 16.24
C SER C 19 6.23 -21.07 15.18
N PHE C 20 6.43 -19.79 15.50
CA PHE C 20 6.05 -18.72 14.60
C PHE C 20 6.88 -18.73 13.30
N TRP C 21 8.19 -18.98 13.40
CA TRP C 21 9.04 -19.10 12.22
C TRP C 21 8.61 -20.24 11.33
N ILE C 22 8.16 -21.33 11.93
CA ILE C 22 7.65 -22.48 11.15
C ILE C 22 6.33 -22.08 10.49
N PHE C 23 5.49 -21.37 11.21
CA PHE C 23 4.28 -20.84 10.64
C PHE C 23 4.57 -19.91 9.47
N LEU C 24 5.54 -19.02 9.62
CA LEU C 24 5.87 -18.05 8.57
C LEU C 24 6.40 -18.70 7.28
N ALA C 25 7.24 -19.72 7.44
CA ALA C 25 7.72 -20.50 6.30
C ALA C 25 6.56 -21.15 5.55
N GLY C 26 5.59 -21.72 6.27
CA GLY C 26 4.41 -22.29 5.64
C GLY C 26 3.51 -21.24 4.94
N LEU C 27 3.39 -20.07 5.56
CA LEU C 27 2.62 -19.01 5.02
C LEU C 27 3.25 -18.56 3.70
N ILE C 28 4.56 -18.36 3.68
CA ILE C 28 5.24 -17.91 2.49
C ILE C 28 5.13 -18.95 1.35
N TYR C 29 5.24 -20.22 1.70
CA TYR C 29 5.06 -21.27 0.73
C TYR C 29 3.62 -21.22 0.12
N TYR C 30 2.62 -21.19 0.99
CA TYR C 30 1.23 -21.07 0.56
C TYR C 30 1.03 -19.84 -0.39
N LEU C 31 1.53 -18.71 0.04
CA LEU C 31 1.41 -17.45 -0.72
C LEU C 31 2.12 -17.48 -2.08
N GLN C 32 3.31 -18.00 -2.14
CA GLN C 32 4.01 -18.10 -3.42
C GLN C 32 3.27 -19.04 -4.35
N THR C 33 2.83 -20.20 -3.86
CA THR C 33 2.11 -21.13 -4.74
C THR C 33 0.77 -20.55 -5.20
N GLU C 34 0.05 -19.85 -4.30
CA GLU C 34 -1.14 -19.12 -4.74
C GLU C 34 -0.87 -18.14 -5.87
N ASN C 35 0.29 -17.49 -5.89
CA ASN C 35 0.70 -16.53 -6.93
C ASN C 35 1.26 -17.16 -8.21
N MET C 36 1.16 -18.49 -8.29
CA MET C 36 1.49 -19.26 -9.49
C MET C 36 0.22 -19.79 -10.23
N ARG C 37 -0.97 -19.22 -9.94
CA ARG C 37 -2.22 -19.63 -10.59
C ARG C 37 -2.33 -19.02 -11.98
N GLU C 38 -1.44 -18.10 -12.35
CA GLU C 38 -1.32 -17.56 -13.74
C GLU C 38 0.11 -17.57 -14.18
N GLY C 39 0.30 -17.80 -15.46
CA GLY C 39 1.60 -17.68 -16.07
C GLY C 39 2.50 -18.91 -15.99
N TYR C 40 2.12 -19.90 -15.17
CA TYR C 40 2.97 -21.10 -14.94
C TYR C 40 2.28 -22.30 -15.63
N PRO C 41 3.00 -23.37 -16.01
CA PRO C 41 4.47 -23.47 -15.90
C PRO C 41 5.19 -22.51 -16.81
N LEU C 42 6.42 -22.21 -16.40
CA LEU C 42 7.35 -21.37 -17.16
C LEU C 42 7.69 -22.04 -18.48
N GLU C 43 8.12 -21.20 -19.42
CA GLU C 43 8.37 -21.60 -20.81
C GLU C 43 9.72 -21.16 -21.31
N ASN C 44 10.24 -21.89 -22.28
CA ASN C 44 11.37 -21.37 -23.04
C ASN C 44 10.81 -20.38 -24.00
N GLU C 45 11.71 -19.62 -24.62
CA GLU C 45 11.35 -18.58 -25.58
C GLU C 45 10.55 -19.12 -26.80
N ASP C 46 10.68 -20.41 -27.11
CA ASP C 46 9.87 -21.10 -28.15
C ASP C 46 8.48 -21.62 -27.70
N GLY C 47 8.06 -21.35 -26.46
CA GLY C 47 6.73 -21.81 -25.94
C GLY C 47 6.60 -23.20 -25.30
N THR C 48 7.67 -23.98 -25.35
CA THR C 48 7.69 -25.31 -24.81
C THR C 48 7.97 -25.13 -23.36
N PRO C 49 7.73 -26.17 -22.54
CA PRO C 49 7.95 -26.06 -21.10
C PRO C 49 9.41 -25.91 -20.67
N ALA C 50 9.73 -24.92 -19.85
CA ALA C 50 11.11 -24.85 -19.33
C ALA C 50 11.43 -26.04 -18.44
N ALA C 51 12.72 -26.36 -18.39
CA ALA C 51 13.24 -27.45 -17.57
C ALA C 51 13.15 -27.06 -16.10
N ASN C 52 13.64 -25.88 -15.76
CA ASN C 52 13.65 -25.41 -14.37
C ASN C 52 12.42 -24.57 -14.01
N GLN C 53 11.50 -25.20 -13.28
CA GLN C 53 10.29 -24.58 -12.74
C GLN C 53 10.47 -23.90 -11.38
N GLY C 54 11.65 -24.00 -10.77
CA GLY C 54 11.85 -23.59 -9.37
C GLY C 54 11.35 -24.60 -8.35
N PRO C 55 11.51 -24.28 -7.05
CA PRO C 55 11.20 -25.25 -6.00
C PRO C 55 9.74 -25.25 -5.49
N PHE C 56 8.88 -24.41 -6.04
CA PHE C 56 7.49 -24.33 -5.59
C PHE C 56 6.68 -25.02 -6.67
N PRO C 57 5.83 -26.00 -6.29
CA PRO C 57 4.97 -26.70 -7.24
C PRO C 57 3.71 -25.91 -7.51
N LEU C 58 3.03 -26.22 -8.62
CA LEU C 58 1.77 -25.58 -8.96
C LEU C 58 0.72 -25.98 -7.93
N PRO C 59 -0.10 -25.03 -7.46
CA PRO C 59 -1.14 -25.46 -6.52
C PRO C 59 -2.25 -26.24 -7.21
N LYS C 60 -3.07 -26.90 -6.38
CA LYS C 60 -4.33 -27.53 -6.79
C LYS C 60 -5.27 -26.45 -7.34
N PRO C 61 -5.84 -26.66 -8.53
CA PRO C 61 -6.73 -25.65 -9.10
C PRO C 61 -7.87 -25.23 -8.19
N LYS C 62 -8.34 -24.03 -8.41
CA LYS C 62 -9.55 -23.54 -7.80
C LYS C 62 -10.40 -23.12 -8.99
N THR C 63 -11.71 -23.04 -8.76
CA THR C 63 -12.65 -22.57 -9.81
C THR C 63 -13.45 -21.35 -9.34
N PHE C 64 -13.41 -20.27 -10.12
CA PHE C 64 -14.19 -19.08 -9.80
C PHE C 64 -15.48 -19.20 -10.60
N ILE C 65 -16.60 -18.94 -9.94
CA ILE C 65 -17.91 -18.93 -10.58
C ILE C 65 -18.23 -17.50 -10.99
N LEU C 66 -18.27 -17.26 -12.29
CA LEU C 66 -18.39 -15.91 -12.80
C LEU C 66 -19.83 -15.53 -12.72
N PRO C 67 -20.14 -14.28 -12.38
CA PRO C 67 -21.55 -13.85 -12.40
C PRO C 67 -22.17 -13.73 -13.80
N HIS C 68 -23.48 -13.60 -13.82
CA HIS C 68 -24.26 -13.30 -15.05
C HIS C 68 -24.17 -14.34 -16.14
N GLY C 69 -24.02 -15.62 -15.76
CA GLY C 69 -23.99 -16.74 -16.70
C GLY C 69 -22.74 -16.83 -17.56
N ARG C 70 -21.69 -16.07 -17.20
CA ARG C 70 -20.46 -16.03 -18.02
C ARG C 70 -19.58 -17.26 -17.79
N GLY C 71 -19.92 -18.14 -16.86
CA GLY C 71 -19.25 -19.43 -16.78
C GLY C 71 -18.31 -19.48 -15.61
N THR C 72 -17.18 -20.13 -15.78
CA THR C 72 -16.20 -20.26 -14.73
C THR C 72 -14.75 -19.97 -15.20
N LEU C 73 -13.85 -19.81 -14.24
CA LEU C 73 -12.42 -19.82 -14.52
C LEU C 73 -11.79 -20.78 -13.58
N THR C 74 -11.02 -21.71 -14.13
CA THR C 74 -10.28 -22.68 -13.33
C THR C 74 -8.79 -22.41 -13.54
N VAL C 75 -8.07 -22.10 -12.46
CA VAL C 75 -6.64 -21.79 -12.51
C VAL C 75 -5.92 -22.54 -11.41
N PRO C 76 -4.72 -23.06 -11.66
CA PRO C 76 -4.04 -22.96 -12.95
C PRO C 76 -4.67 -23.89 -13.97
N GLY C 77 -4.61 -23.50 -15.23
CA GLY C 77 -5.08 -24.33 -16.31
C GLY C 77 -4.18 -24.17 -17.50
N PRO C 78 -4.52 -24.84 -18.60
CA PRO C 78 -3.65 -24.77 -19.80
C PRO C 78 -3.53 -23.35 -20.31
N GLU C 79 -2.30 -22.84 -20.34
CA GLU C 79 -1.97 -21.46 -20.69
C GLU C 79 -1.85 -21.39 -22.21
N SER C 80 -2.25 -20.30 -22.81
CA SER C 80 -2.17 -20.13 -24.24
C SER C 80 -2.47 -18.65 -24.60
N GLU C 81 -1.65 -18.08 -25.49
CA GLU C 81 -1.80 -16.67 -25.89
C GLU C 81 -3.08 -16.44 -26.71
N ASP C 82 -3.50 -17.45 -27.51
CA ASP C 82 -4.64 -17.40 -28.43
C ASP C 82 -4.56 -16.26 -29.40
N ARG C 83 -3.34 -15.97 -29.85
CA ARG C 83 -3.11 -14.97 -30.86
C ARG C 83 -1.70 -15.12 -31.37
N PRO C 84 -1.44 -14.77 -32.64
CA PRO C 84 -0.05 -14.79 -33.18
C PRO C 84 0.81 -13.63 -32.64
N ILE C 85 2.06 -13.91 -32.32
CA ILE C 85 2.94 -12.93 -31.71
C ILE C 85 3.99 -12.62 -32.74
N ALA C 86 3.92 -11.45 -33.35
CA ALA C 86 4.81 -11.10 -34.45
C ALA C 86 6.19 -10.64 -33.95
N LEU C 87 6.96 -11.53 -33.37
CA LEU C 87 8.31 -11.21 -32.91
C LEU C 87 9.26 -12.29 -33.39
N ALA C 88 10.55 -11.98 -33.49
CA ALA C 88 11.56 -12.98 -33.80
C ALA C 88 12.82 -12.75 -32.96
N ARG C 89 13.54 -13.83 -32.70
CA ARG C 89 14.83 -13.73 -32.01
C ARG C 89 15.80 -12.80 -32.72
N THR C 90 16.59 -12.07 -31.93
CA THR C 90 17.72 -11.28 -32.42
C THR C 90 19.09 -11.92 -32.08
N ALA C 91 19.10 -13.13 -31.51
CA ALA C 91 20.31 -13.74 -31.00
C ALA C 91 20.17 -15.24 -30.98
N VAL C 92 21.28 -15.95 -31.00
CA VAL C 92 21.30 -17.43 -31.02
C VAL C 92 21.22 -18.11 -29.65
N SER C 93 21.06 -17.35 -28.58
CA SER C 93 20.92 -17.98 -27.27
C SER C 93 19.88 -17.23 -26.45
N GLU C 94 19.53 -17.81 -25.31
N GLU C 94 19.48 -17.80 -25.30
CA GLU C 94 18.45 -17.39 -24.45
CA GLU C 94 18.36 -17.28 -24.51
C GLU C 94 18.71 -16.02 -23.75
C GLU C 94 18.72 -15.97 -23.82
N GLY C 95 17.71 -15.14 -23.65
CA GLY C 95 17.83 -13.93 -22.81
C GLY C 95 17.91 -12.59 -23.51
N PHE C 96 17.74 -12.59 -24.82
CA PHE C 96 17.91 -11.38 -25.58
C PHE C 96 16.55 -10.90 -26.00
N PRO C 97 16.44 -9.63 -26.39
CA PRO C 97 15.19 -9.11 -26.90
C PRO C 97 14.75 -9.78 -28.20
N HIS C 98 13.47 -9.60 -28.52
CA HIS C 98 12.84 -10.23 -29.66
C HIS C 98 12.28 -9.09 -30.49
N ALA C 99 12.72 -9.03 -31.74
CA ALA C 99 12.43 -7.87 -32.58
C ALA C 99 11.08 -8.01 -33.25
N PRO C 100 10.30 -6.91 -33.34
CA PRO C 100 9.04 -6.94 -34.12
C PRO C 100 9.30 -7.29 -35.58
N THR C 101 8.50 -8.19 -36.13
CA THR C 101 8.66 -8.61 -37.52
C THR C 101 7.93 -7.70 -38.48
N GLY C 102 7.00 -6.87 -38.00
CA GLY C 102 6.34 -5.83 -38.80
C GLY C 102 6.24 -4.52 -38.02
N ASP C 103 5.07 -3.89 -38.08
CA ASP C 103 4.80 -2.68 -37.28
C ASP C 103 4.28 -3.09 -35.90
N PRO C 104 5.06 -2.82 -34.82
CA PRO C 104 4.65 -3.30 -33.48
C PRO C 104 3.36 -2.70 -32.91
N MET C 105 3.05 -1.48 -33.31
CA MET C 105 1.74 -0.84 -33.00
C MET C 105 0.57 -1.63 -33.62
N LYS C 106 0.71 -2.02 -34.90
CA LYS C 106 -0.35 -2.80 -35.58
C LYS C 106 -0.44 -4.21 -35.06
N ASP C 107 0.72 -4.82 -34.80
CA ASP C 107 0.77 -6.21 -34.41
C ASP C 107 0.51 -6.43 -32.97
N GLY C 108 0.53 -5.37 -32.16
CA GLY C 108 0.19 -5.48 -30.77
C GLY C 108 1.22 -6.26 -30.01
N VAL C 109 2.51 -5.85 -30.13
CA VAL C 109 3.60 -6.41 -29.34
C VAL C 109 4.38 -5.32 -28.59
N GLY C 110 5.31 -5.74 -27.74
CA GLY C 110 6.02 -4.77 -26.95
C GLY C 110 5.09 -4.01 -26.01
N PRO C 111 5.37 -2.70 -25.79
CA PRO C 111 4.45 -1.91 -24.99
C PRO C 111 3.11 -1.62 -25.73
N ALA C 112 2.98 -2.03 -27.00
CA ALA C 112 1.68 -2.02 -27.69
C ALA C 112 0.89 -3.31 -27.48
N SER C 113 1.30 -4.18 -26.56
CA SER C 113 0.68 -5.49 -26.42
C SER C 113 -0.77 -5.46 -25.90
N TRP C 114 -1.56 -6.47 -26.26
CA TRP C 114 -2.87 -6.70 -25.72
C TRP C 114 -3.08 -8.17 -25.44
N VAL C 115 -3.99 -8.49 -24.53
CA VAL C 115 -4.40 -9.87 -24.22
C VAL C 115 -5.78 -10.15 -24.83
N ALA C 116 -5.99 -11.40 -25.20
CA ALA C 116 -7.26 -11.87 -25.79
C ALA C 116 -8.19 -12.12 -24.64
N ARG C 117 -8.63 -11.00 -24.10
CA ARG C 117 -9.60 -11.00 -23.06
C ARG C 117 -10.92 -11.40 -23.79
N ARG C 118 -11.93 -11.74 -23.02
CA ARG C 118 -13.22 -12.04 -23.56
C ARG C 118 -13.81 -10.87 -24.35
N ASP C 119 -14.34 -11.19 -25.54
CA ASP C 119 -14.98 -10.22 -26.43
C ASP C 119 -16.47 -9.94 -26.09
N LEU C 120 -16.70 -9.60 -24.82
CA LEU C 120 -17.97 -9.09 -24.31
C LEU C 120 -17.67 -7.87 -23.46
N PRO C 121 -18.65 -7.03 -23.21
CA PRO C 121 -18.35 -5.92 -22.26
C PRO C 121 -18.42 -6.42 -20.84
N GLU C 122 -17.70 -5.74 -19.93
CA GLU C 122 -17.77 -5.99 -18.49
C GLU C 122 -19.13 -5.51 -18.04
N LEU C 123 -19.76 -6.32 -17.20
CA LEU C 123 -21.09 -6.04 -16.69
C LEU C 123 -20.97 -5.60 -15.28
N ASP C 124 -21.93 -4.80 -14.86
CA ASP C 124 -22.01 -4.30 -13.49
C ASP C 124 -22.82 -5.28 -12.69
N GLY C 125 -23.03 -4.95 -11.42
CA GLY C 125 -23.64 -5.86 -10.47
C GLY C 125 -25.08 -6.24 -10.77
N HIS C 126 -25.79 -5.36 -11.45
CA HIS C 126 -27.14 -5.66 -11.97
C HIS C 126 -27.20 -6.25 -13.38
N GLY C 127 -26.06 -6.44 -14.04
CA GLY C 127 -26.01 -7.08 -15.35
C GLY C 127 -26.06 -6.10 -16.50
N HIS C 128 -26.01 -4.79 -16.24
CA HIS C 128 -25.93 -3.80 -17.29
C HIS C 128 -24.46 -3.52 -17.65
N ASN C 129 -24.21 -3.10 -18.89
CA ASN C 129 -22.86 -2.64 -19.28
C ASN C 129 -22.19 -1.62 -18.32
N LYS C 130 -21.01 -2.02 -17.82
CA LYS C 130 -20.26 -1.19 -16.87
C LYS C 130 -19.89 0.14 -17.41
N ILE C 131 -19.47 0.19 -18.67
CA ILE C 131 -19.01 1.40 -19.33
C ILE C 131 -19.96 1.84 -20.50
N LYS C 132 -20.45 3.07 -20.43
CA LYS C 132 -21.35 3.62 -21.44
C LYS C 132 -20.91 4.99 -21.86
N PRO C 133 -21.18 5.37 -23.12
CA PRO C 133 -21.06 6.80 -23.43
C PRO C 133 -22.03 7.61 -22.53
N MET C 134 -21.62 8.80 -22.10
CA MET C 134 -22.45 9.59 -21.16
C MET C 134 -23.82 9.94 -21.80
N LYS C 135 -23.82 10.13 -23.13
CA LYS C 135 -25.07 10.36 -23.89
C LYS C 135 -26.13 9.32 -23.57
N ALA C 136 -25.72 8.07 -23.34
CA ALA C 136 -26.64 6.96 -23.08
C ALA C 136 -26.76 6.63 -21.60
N ALA C 137 -26.18 7.44 -20.74
CA ALA C 137 -26.13 7.14 -19.32
C ALA C 137 -26.99 8.18 -18.62
N ALA C 138 -28.16 7.70 -18.23
CA ALA C 138 -29.25 8.53 -17.68
C ALA C 138 -28.83 9.16 -16.39
N GLY C 139 -28.94 10.49 -16.30
CA GLY C 139 -28.60 11.21 -15.07
C GLY C 139 -27.15 11.62 -14.92
N PHE C 140 -26.29 11.08 -15.78
CA PHE C 140 -24.87 11.34 -15.71
C PHE C 140 -24.53 12.60 -16.44
N HIS C 141 -23.71 13.42 -15.76
CA HIS C 141 -23.15 14.66 -16.29
C HIS C 141 -21.84 14.91 -15.55
N VAL C 142 -21.02 15.75 -16.18
CA VAL C 142 -19.90 16.37 -15.56
C VAL C 142 -20.32 17.24 -14.37
N SER C 143 -19.70 16.98 -13.22
CA SER C 143 -20.02 17.64 -11.97
C SER C 143 -18.88 18.49 -11.40
N ALA C 144 -17.69 18.45 -11.98
CA ALA C 144 -16.56 19.27 -11.52
C ALA C 144 -15.42 19.13 -12.50
N GLY C 145 -14.57 20.13 -12.59
CA GLY C 145 -13.51 20.14 -13.59
C GLY C 145 -13.97 20.64 -14.93
N LYS C 146 -13.00 20.87 -15.79
CA LYS C 146 -13.21 21.25 -17.16
C LYS C 146 -13.88 20.10 -17.93
N ASN C 147 -15.10 20.33 -18.43
CA ASN C 147 -15.77 19.39 -19.33
C ASN C 147 -15.00 19.34 -20.68
N PRO C 148 -14.39 18.20 -21.02
CA PRO C 148 -13.63 18.15 -22.29
C PRO C 148 -14.47 17.99 -23.57
N ILE C 149 -15.77 17.69 -23.42
CA ILE C 149 -16.61 17.43 -24.58
C ILE C 149 -16.63 18.66 -25.42
N GLY C 150 -16.22 18.54 -26.67
CA GLY C 150 -16.15 19.68 -27.59
C GLY C 150 -14.75 20.19 -27.87
N LEU C 151 -13.78 19.77 -27.05
CA LEU C 151 -12.40 20.26 -27.21
C LEU C 151 -11.67 19.57 -28.38
N PRO C 152 -10.85 20.34 -29.15
CA PRO C 152 -10.01 19.69 -30.12
C PRO C 152 -8.97 18.87 -29.41
N VAL C 153 -8.50 17.82 -30.08
CA VAL C 153 -7.56 16.86 -29.52
C VAL C 153 -6.26 16.96 -30.31
N ARG C 154 -5.18 17.14 -29.59
CA ARG C 154 -3.87 17.40 -30.16
C ARG C 154 -2.97 16.22 -29.88
N GLY C 155 -2.16 15.83 -30.87
CA GLY C 155 -1.20 14.76 -30.74
C GLY C 155 0.17 15.31 -30.39
N CYS C 156 1.10 14.39 -30.11
CA CYS C 156 2.46 14.80 -29.76
C CYS C 156 3.23 15.46 -30.91
N ASP C 157 2.74 15.35 -32.14
CA ASP C 157 3.28 16.17 -33.23
C ASP C 157 2.73 17.62 -33.25
N LEU C 158 1.94 18.01 -32.24
CA LEU C 158 1.27 19.32 -32.15
C LEU C 158 0.23 19.61 -33.24
N GLU C 159 -0.25 18.57 -33.93
CA GLU C 159 -1.34 18.68 -34.92
C GLU C 159 -2.66 18.23 -34.30
N ILE C 160 -3.77 18.81 -34.74
CA ILE C 160 -5.09 18.44 -34.24
C ILE C 160 -5.47 17.10 -34.88
N ALA C 161 -5.66 16.08 -34.07
CA ALA C 161 -6.10 14.77 -34.55
C ALA C 161 -7.61 14.58 -34.64
N GLY C 162 -8.40 15.42 -33.96
CA GLY C 162 -9.87 15.29 -33.96
C GLY C 162 -10.55 16.14 -32.91
N LYS C 163 -11.77 15.78 -32.51
CA LYS C 163 -12.47 16.48 -31.44
C LYS C 163 -13.22 15.57 -30.49
N VAL C 164 -13.36 16.00 -29.24
CA VAL C 164 -14.00 15.16 -28.24
C VAL C 164 -15.50 15.28 -28.43
N VAL C 165 -16.16 14.14 -28.58
CA VAL C 165 -17.61 14.12 -28.79
C VAL C 165 -18.37 13.44 -27.63
N ASP C 166 -17.68 12.76 -26.71
CA ASP C 166 -18.34 12.28 -25.49
C ASP C 166 -17.31 11.73 -24.49
N ILE C 167 -17.77 11.48 -23.28
CA ILE C 167 -17.02 10.81 -22.24
C ILE C 167 -17.70 9.49 -22.03
N TRP C 168 -16.91 8.41 -21.95
CA TRP C 168 -17.44 7.11 -21.63
C TRP C 168 -17.18 6.93 -20.17
N VAL C 169 -18.23 6.64 -19.42
CA VAL C 169 -18.17 6.64 -17.98
C VAL C 169 -18.39 5.24 -17.49
N ASP C 170 -17.73 4.94 -16.38
CA ASP C 170 -17.95 3.74 -15.61
C ASP C 170 -19.14 4.02 -14.67
N ILE C 171 -20.31 3.45 -14.97
CA ILE C 171 -21.52 3.77 -14.21
C ILE C 171 -21.40 3.47 -12.73
N PRO C 172 -21.05 2.24 -12.34
CA PRO C 172 -20.96 1.93 -10.90
C PRO C 172 -19.91 2.69 -10.07
N GLU C 173 -18.78 3.03 -10.68
CA GLU C 173 -17.66 3.71 -9.98
C GLU C 173 -17.77 5.25 -10.25
N GLN C 174 -18.78 5.66 -11.04
CA GLN C 174 -19.05 7.06 -11.34
C GLN C 174 -17.81 7.80 -11.70
N MET C 175 -17.16 7.34 -12.77
CA MET C 175 -15.89 7.92 -13.14
C MET C 175 -15.77 7.91 -14.64
N ALA C 176 -14.99 8.85 -15.16
CA ALA C 176 -14.66 8.94 -16.55
C ALA C 176 -13.56 7.96 -16.96
N ARG C 177 -13.87 7.12 -17.95
CA ARG C 177 -12.91 6.11 -18.43
C ARG C 177 -12.29 6.37 -19.77
N PHE C 178 -13.07 6.81 -20.76
CA PHE C 178 -12.49 7.22 -22.05
C PHE C 178 -13.08 8.53 -22.50
N LEU C 179 -12.37 9.20 -23.37
CA LEU C 179 -12.91 10.23 -24.24
C LEU C 179 -13.16 9.63 -25.65
N GLU C 180 -14.39 9.78 -26.18
CA GLU C 180 -14.63 9.40 -27.53
C GLU C 180 -14.25 10.56 -28.42
N VAL C 181 -13.38 10.29 -29.38
CA VAL C 181 -12.79 11.34 -30.22
C VAL C 181 -13.13 11.10 -31.69
N GLU C 182 -13.71 12.11 -32.32
CA GLU C 182 -14.08 12.05 -33.73
C GLU C 182 -12.91 12.46 -34.60
N LEU C 183 -12.60 11.64 -35.62
CA LEU C 183 -11.50 11.93 -36.54
C LEU C 183 -12.00 12.70 -37.75
N LYS C 184 -11.04 13.19 -38.54
CA LYS C 184 -11.22 13.90 -39.80
C LYS C 184 -12.30 13.27 -40.71
N ASP C 185 -12.33 11.94 -40.77
CA ASP C 185 -13.29 11.20 -41.59
C ASP C 185 -14.66 10.90 -40.96
N GLY C 186 -14.87 11.34 -39.72
CA GLY C 186 -16.18 11.19 -39.06
C GLY C 186 -16.45 9.95 -38.20
N SER C 187 -15.57 8.98 -38.24
CA SER C 187 -15.60 7.89 -37.24
C SER C 187 -14.95 8.38 -35.95
N THR C 188 -15.17 7.61 -34.88
CA THR C 188 -14.66 7.93 -33.57
C THR C 188 -13.66 6.87 -33.07
N ARG C 189 -12.85 7.24 -32.06
CA ARG C 189 -11.97 6.31 -31.36
C ARG C 189 -12.07 6.59 -29.87
N LEU C 190 -11.82 5.56 -29.06
CA LEU C 190 -11.70 5.76 -27.62
C LEU C 190 -10.23 5.99 -27.25
N LEU C 191 -9.98 7.02 -26.45
CA LEU C 191 -8.68 7.29 -25.82
C LEU C 191 -8.89 7.09 -24.34
N PRO C 192 -8.04 6.26 -23.69
CA PRO C 192 -8.07 6.14 -22.21
C PRO C 192 -7.85 7.45 -21.47
N MET C 193 -8.61 7.66 -20.41
CA MET C 193 -8.64 8.94 -19.68
C MET C 193 -7.29 9.17 -19.01
N GLN C 194 -6.68 8.06 -18.63
CA GLN C 194 -5.37 8.08 -18.02
C GLN C 194 -4.28 8.47 -19.02
N MET C 195 -4.56 8.59 -20.32
CA MET C 195 -3.50 8.98 -21.28
C MET C 195 -3.77 10.29 -21.99
N VAL C 196 -4.65 11.11 -21.41
CA VAL C 196 -4.91 12.42 -21.96
C VAL C 196 -4.78 13.47 -20.87
N LYS C 197 -4.51 14.68 -21.29
CA LYS C 197 -4.43 15.83 -20.41
C LYS C 197 -5.49 16.80 -20.90
N VAL C 198 -6.51 16.95 -20.08
CA VAL C 198 -7.51 17.96 -20.34
C VAL C 198 -6.92 19.34 -19.97
N GLN C 199 -6.82 20.25 -20.94
CA GLN C 199 -6.47 21.66 -20.75
C GLN C 199 -7.64 22.61 -21.06
N SER C 200 -7.47 23.89 -20.77
CA SER C 200 -8.58 24.85 -20.95
C SER C 200 -9.10 24.95 -22.39
N ASN C 201 -8.22 24.82 -23.38
CA ASN C 201 -8.55 24.97 -24.81
C ASN C 201 -8.30 23.73 -25.67
N ARG C 202 -7.91 22.61 -25.05
CA ARG C 202 -7.61 21.39 -25.78
C ARG C 202 -7.47 20.18 -24.85
N VAL C 203 -7.46 18.99 -25.45
CA VAL C 203 -7.02 17.79 -24.80
C VAL C 203 -5.73 17.46 -25.53
N HIS C 204 -4.63 17.29 -24.78
CA HIS C 204 -3.36 16.89 -25.35
C HIS C 204 -3.05 15.38 -25.09
N VAL C 205 -2.59 14.72 -26.15
CA VAL C 205 -2.24 13.30 -26.18
C VAL C 205 -0.75 13.13 -26.51
N ASN C 206 0.04 13.01 -25.47
CA ASN C 206 1.49 12.79 -25.58
C ASN C 206 1.93 11.47 -26.30
N ALA C 207 1.23 10.38 -26.05
CA ALA C 207 1.60 9.07 -26.54
C ALA C 207 1.50 8.89 -28.07
N LEU C 208 0.62 9.63 -28.75
CA LEU C 208 0.38 9.43 -30.18
C LEU C 208 0.50 10.74 -30.95
N SER C 209 1.07 10.64 -32.13
CA SER C 209 1.06 11.72 -33.06
C SER C 209 -0.24 11.60 -33.82
N SER C 210 -0.63 12.68 -34.46
CA SER C 210 -1.97 12.80 -35.05
C SER C 210 -2.22 11.80 -36.13
N ASP C 211 -1.21 11.49 -36.93
CA ASP C 211 -1.28 10.45 -37.96
C ASP C 211 -1.52 9.02 -37.44
N LEU C 212 -1.32 8.79 -36.15
CA LEU C 212 -1.52 7.49 -35.59
C LEU C 212 -2.91 7.32 -35.01
N PHE C 213 -3.73 8.39 -35.03
CA PHE C 213 -5.07 8.26 -34.46
C PHE C 213 -5.99 7.29 -35.26
N ALA C 214 -5.85 7.27 -36.58
CA ALA C 214 -6.69 6.40 -37.43
C ALA C 214 -6.46 4.92 -37.16
N GLY C 215 -5.21 4.59 -36.78
CA GLY C 215 -4.79 3.23 -36.40
C GLY C 215 -5.31 2.74 -35.06
N ILE C 216 -5.72 3.62 -34.15
CA ILE C 216 -6.33 3.18 -32.89
C ILE C 216 -7.45 2.14 -33.20
N PRO C 217 -7.41 0.96 -32.57
CA PRO C 217 -8.39 -0.06 -32.91
C PRO C 217 -9.82 0.35 -32.62
N THR C 218 -10.74 -0.07 -33.48
CA THR C 218 -12.12 0.38 -33.41
C THR C 218 -12.99 -0.57 -32.61
N ILE C 219 -14.12 -0.07 -32.14
CA ILE C 219 -15.11 -0.90 -31.47
C ILE C 219 -16.16 -1.27 -32.51
N LYS C 220 -16.73 -2.45 -32.41
CA LYS C 220 -17.52 -2.96 -33.51
C LYS C 220 -18.96 -2.46 -33.39
N SER C 221 -19.35 -2.07 -32.18
CA SER C 221 -20.67 -1.58 -31.89
C SER C 221 -20.52 -0.22 -31.13
N PRO C 222 -21.21 0.86 -31.58
CA PRO C 222 -20.78 2.23 -31.12
C PRO C 222 -21.20 2.63 -29.71
N THR C 223 -22.01 1.79 -29.05
CA THR C 223 -22.65 2.11 -27.77
C THR C 223 -22.13 1.26 -26.60
N GLU C 224 -21.18 0.36 -26.87
CA GLU C 224 -20.54 -0.47 -25.83
C GLU C 224 -19.13 -0.82 -26.24
N VAL C 225 -18.31 -1.24 -25.26
CA VAL C 225 -16.93 -1.66 -25.56
C VAL C 225 -16.64 -2.97 -24.81
N THR C 226 -16.00 -3.91 -25.50
CA THR C 226 -15.67 -5.21 -24.95
C THR C 226 -14.31 -5.21 -24.26
N LEU C 227 -14.12 -6.17 -23.37
CA LEU C 227 -12.85 -6.30 -22.67
C LEU C 227 -11.70 -6.47 -23.67
N LEU C 228 -11.95 -7.25 -24.72
CA LEU C 228 -10.97 -7.41 -25.79
C LEU C 228 -10.59 -6.04 -26.42
N GLU C 229 -11.62 -5.22 -26.69
CA GLU C 229 -11.46 -3.93 -27.37
C GLU C 229 -10.71 -2.93 -26.47
N GLU C 230 -11.09 -2.90 -25.21
CA GLU C 230 -10.37 -2.02 -24.26
C GLU C 230 -8.89 -2.38 -24.25
N ASP C 231 -8.58 -3.66 -24.34
CA ASP C 231 -7.20 -4.11 -24.24
C ASP C 231 -6.39 -3.68 -25.49
N LYS C 232 -7.03 -3.77 -26.65
CA LYS C 232 -6.39 -3.33 -27.90
C LYS C 232 -6.19 -1.81 -27.98
N ILE C 233 -7.21 -1.06 -27.55
CA ILE C 233 -7.12 0.40 -27.47
C ILE C 233 -6.03 0.81 -26.48
N CYS C 234 -6.14 0.35 -25.24
CA CYS C 234 -5.19 0.84 -24.23
C CYS C 234 -3.72 0.43 -24.52
N GLY C 235 -3.58 -0.80 -25.01
CA GLY C 235 -2.31 -1.33 -25.44
C GLY C 235 -1.73 -0.45 -26.52
N TYR C 236 -2.53 -0.12 -27.52
CA TYR C 236 -2.11 0.66 -28.68
C TYR C 236 -1.67 2.07 -28.31
N VAL C 237 -2.44 2.79 -27.47
CA VAL C 237 -2.04 4.13 -27.13
C VAL C 237 -0.80 4.10 -26.15
N ALA C 238 -0.75 3.19 -25.18
CA ALA C 238 0.52 3.07 -24.39
C ALA C 238 1.74 2.84 -25.30
N GLY C 239 1.59 2.00 -26.34
CA GLY C 239 2.70 1.67 -27.21
C GLY C 239 3.31 2.86 -27.94
N GLY C 240 2.54 3.93 -28.09
CA GLY C 240 3.01 5.14 -28.78
C GLY C 240 4.11 5.85 -28.01
N LEU C 241 4.12 5.72 -26.69
CA LEU C 241 5.25 6.28 -25.92
C LEU C 241 6.58 5.81 -26.48
N MET C 242 6.76 4.50 -26.67
CA MET C 242 7.96 4.01 -27.37
C MET C 242 7.93 4.22 -28.91
N TYR C 243 6.83 3.88 -29.58
CA TYR C 243 6.89 3.73 -31.04
C TYR C 243 6.54 4.99 -31.85
N ALA C 244 5.94 5.98 -31.21
CA ALA C 244 5.78 7.31 -31.82
C ALA C 244 6.78 8.36 -31.29
N ALA C 245 7.85 7.91 -30.61
CA ALA C 245 8.92 8.82 -30.13
C ALA C 245 9.69 9.60 -31.24
N PRO C 246 9.89 9.02 -32.46
CA PRO C 246 10.42 9.81 -33.61
C PRO C 246 9.59 11.05 -34.03
N LYS C 247 8.28 11.06 -33.75
CA LYS C 247 7.34 12.14 -34.11
C LYS C 247 6.90 13.01 -32.91
N ARG C 248 7.65 12.98 -31.81
CA ARG C 248 7.33 13.72 -30.60
C ARG C 248 8.39 14.81 -30.36
N LYS C 249 8.01 16.08 -30.56
CA LYS C 249 8.96 17.22 -30.60
C LYS C 249 9.58 17.60 -29.25
MG BCL D . 10.39 6.02 16.33
CHA BCL D . 12.08 6.52 13.37
CHB BCL D . 7.79 4.79 14.46
CHC BCL D . 8.92 4.81 19.18
CHD BCL D . 13.17 6.82 18.15
NA BCL D . 10.02 5.69 14.21
C1A BCL D . 10.79 6.10 13.14
C2A BCL D . 10.13 5.89 11.81
C3A BCL D . 8.72 5.50 12.26
C4A BCL D . 8.87 5.27 13.72
CMA BCL D . 7.81 6.73 12.13
CAA BCL D . 10.70 4.61 11.17
CBA BCL D . 10.37 4.32 9.70
CGA BCL D . 11.24 5.03 8.75
O1A BCL D . 11.82 6.07 9.00
O2A BCL D . 11.34 4.45 7.54
NB BCL D . 8.63 4.94 16.75
C1B BCL D . 7.71 4.53 15.80
C2B BCL D . 6.65 3.84 16.48
C3B BCL D . 6.96 3.85 17.84
C4B BCL D . 8.23 4.56 18.01
CMB BCL D . 5.46 3.23 15.77
CAB BCL D . 6.22 3.28 19.00
OBB BCL D . 6.62 3.36 20.13
CBB BCL D . 4.86 2.60 18.83
NC BCL D . 10.94 5.84 18.33
C1C BCL D . 10.22 5.31 19.31
C2C BCL D . 10.88 5.34 20.66
C3C BCL D . 12.25 5.90 20.33
C4C BCL D . 12.15 6.22 18.87
CMC BCL D . 10.15 6.26 21.63
CAC BCL D . 13.34 4.87 20.57
CBC BCL D . 13.45 4.41 22.03
ND BCL D . 12.24 6.57 15.90
C1D BCL D . 13.29 6.89 16.75
C2D BCL D . 14.41 7.24 15.95
C3D BCL D . 14.01 7.12 14.62
C4D BCL D . 12.67 6.69 14.62
CMD BCL D . 15.76 7.67 16.43
CAD BCL D . 14.42 7.25 13.26
OBD BCL D . 15.52 7.57 12.77
CBD BCL D . 13.19 6.82 12.38
CGD BCL D . 12.95 7.86 11.31
O1D BCL D . 12.01 8.62 11.30
O2D BCL D . 13.90 7.79 10.38
CED BCL D . 13.93 8.68 9.26
C1 BCL D . 12.16 5.01 6.50
C2 BCL D . 12.79 3.83 5.77
C3 BCL D . 14.12 3.55 5.66
C4 BCL D . 15.25 4.40 6.25
C5 BCL D . 14.52 2.30 4.86
C6 BCL D . 15.31 2.65 3.60
C7 BCL D . 15.36 1.43 2.69
C8 BCL D . 16.47 1.51 1.64
C9 BCL D . 16.29 2.72 0.72
C10 BCL D . 16.55 0.19 0.87
C11 BCL D . 17.47 -0.80 1.57
C12 BCL D . 17.73 -2.07 0.77
C13 BCL D . 18.42 -3.10 1.65
C14 BCL D . 19.94 -2.95 1.67
C15 BCL D . 17.95 -4.51 1.37
C16 BCL D . 18.46 -5.18 0.09
C17 BCL D . 18.89 -6.63 0.31
C18 BCL D . 17.77 -7.66 0.05
C19 BCL D . 17.50 -7.86 -1.44
C20 BCL D . 16.48 -7.34 0.81
O1D BPH E . 12.39 -3.55 -5.52
CGD BPH E . 11.84 -2.96 -4.60
O2D BPH E . 11.05 -3.61 -3.74
CED BPH E . 10.78 -5.01 -3.91
CBD BPH E . 12.06 -1.47 -4.31
CHA BPH E . 12.20 -1.21 -2.82
C4D BPH E . 11.13 -0.39 -2.51
C3D BPH E . 10.35 0.05 -3.59
CAD BPH E . 10.85 -0.58 -4.77
OBD BPH E . 10.44 -0.45 -5.93
C2D BPH E . 9.36 0.91 -3.11
CMD BPH E . 8.30 1.59 -3.89
C1D BPH E . 9.56 0.98 -1.70
ND BPH E . 10.67 0.20 -1.40
CHD BPH E . 8.85 1.70 -0.72
C4C BPH E . 9.12 1.74 0.64
C3C BPH E . 8.24 2.46 1.66
CAC BPH E . 7.70 3.85 1.32
CBC BPH E . 8.67 4.83 0.67
C2C BPH E . 9.06 2.28 2.95
CMC BPH E . 8.31 1.93 4.21
C1C BPH E . 10.16 1.31 2.54
NC BPH E . 10.19 1.08 1.23
CHC BPH E . 11.10 0.84 3.47
C4B BPH E . 12.03 -0.19 3.40
C3B BPH E . 12.81 -0.83 4.46
CAB BPH E . 12.75 -0.49 5.92
CBB BPH E . 11.53 0.16 6.44
OBB BPH E . 13.64 -0.74 6.75
C2B BPH E . 13.62 -1.78 3.89
CMB BPH E . 14.60 -2.70 4.59
C1B BPH E . 13.37 -1.77 2.46
NB BPH E . 12.41 -0.81 2.24
CHB BPH E . 13.91 -2.57 1.48
C4A BPH E . 13.73 -2.49 0.09
C3A BPH E . 14.43 -3.42 -0.84
CMA BPH E . 13.82 -4.81 -0.68
C2A BPH E . 14.04 -2.92 -2.22
C1A BPH E . 13.02 -1.86 -1.93
NA BPH E . 12.89 -1.65 -0.57
CAA BPH E . 15.28 -2.23 -2.84
CBA BPH E . 16.41 -3.16 -3.32
CGA BPH E . 17.65 -2.49 -3.76
O1A BPH E . 17.94 -1.31 -3.63
O2A BPH E . 18.52 -3.29 -4.38
C1 BPH E . 19.79 -2.81 -4.84
C2 BPH E . 20.75 -2.93 -3.66
C3 BPH E . 21.12 -4.12 -3.17
C4 BPH E . 20.71 -5.50 -3.71
C5 BPH E . 22.05 -4.33 -1.98
C6 BPH E . 22.88 -3.13 -1.61
C7 BPH E . 23.92 -3.57 -0.58
C8 BPH E . 24.67 -2.36 -0.01
C9 BPH E . 25.69 -1.80 -1.01
C10 BPH E . 25.32 -2.79 1.31
C11 BPH E . 24.35 -2.74 2.48
C12 BPH E . 24.27 -1.33 3.06
C13 BPH E . 23.13 -1.14 4.04
C14 BPH E . 22.96 0.34 4.35
C15 BPH E . 23.33 -2.03 5.28
C16 BPH E . 22.28 -1.85 6.37
C17 BPH E . 22.28 -3.04 7.34
C18 BPH E . 21.01 -3.09 8.22
C19 BPH E . 20.67 -1.76 8.86
C20 BPH E . 21.11 -4.19 9.28
C1 U10 F . -11.28 -0.39 0.71
C2 U10 F . -10.95 -0.98 -0.62
C3 U10 F . -11.65 -0.56 -1.86
C4 U10 F . -12.70 0.49 -1.76
C5 U10 F . -13.05 1.08 -0.43
C6 U10 F . -12.35 0.66 0.81
C1M U10 F . -10.54 -0.87 1.92
C3M U10 F . -11.59 -2.47 -3.48
C4M U10 F . -14.21 -0.04 -3.52
C7 U10 F . -12.75 1.32 2.11
C8 U10 F . -12.14 2.72 2.18
C9 U10 F . -12.57 3.66 3.05
C10 U10 F . -13.96 3.64 3.63
C11 U10 F . -11.63 4.76 3.49
C12 U10 F . -10.93 4.34 4.77
C13 U10 F . -10.10 5.51 5.29
C14 U10 F . -9.14 5.40 6.25
C15 U10 F . -8.58 4.04 6.62
C16 U10 F . -8.64 6.65 6.97
C17 U10 F . -8.03 7.76 6.09
C18 U10 F . -7.76 8.99 6.95
C19 U10 F . -6.81 9.93 6.64
C20 U10 F . -6.41 10.28 5.23
C21 U10 F . -6.11 10.65 7.80
C22 U10 F . -5.11 9.73 8.50
C23 U10 F . -4.16 10.50 9.40
C24 U10 F . -4.47 10.96 10.64
C25 U10 F . -5.77 10.58 11.31
C26 U10 F . -3.44 11.86 11.33
C27 U10 F . -3.98 12.87 12.35
C28 U10 F . -4.11 12.27 13.75
C29 U10 F . -3.46 12.69 14.86
C30 U10 F . -4.16 12.42 16.18
C31 U10 F . -2.07 13.35 14.85
C32 U10 F . -1.95 14.44 15.94
C33 U10 F . -0.88 15.49 15.65
C34 U10 F . -0.61 16.49 16.52
C35 U10 F . -1.51 16.66 17.73
C36 U10 F . 0.41 17.37 16.42
C37 U10 F . 0.94 17.91 15.10
C38 U10 F . 1.06 19.44 15.20
C39 U10 F . 1.88 20.21 14.44
C40 U10 F . 1.73 21.72 14.48
C41 U10 F . 2.97 19.66 13.54
O2 U10 F . -10.09 -1.86 -0.74
O3 U10 F . -11.34 -1.10 -3.10
O4 U10 F . -13.34 0.88 -2.90
O5 U10 F . -13.93 1.96 -0.36
C1 DD9 G . 25.56 -5.71 8.24
C2 DD9 G . 25.09 -7.11 8.57
C3 DD9 G . 25.44 -8.12 7.47
C4 DD9 G . 24.64 -9.42 7.62
C5 DD9 G . 24.93 -10.43 6.51
C6 DD9 G . 23.72 -11.33 6.22
C7 DD9 G . 24.14 -12.68 5.61
C8 DD9 G . 23.08 -13.23 4.66
FE FE H . -5.48 -3.88 -5.20
N1 LDA I . 13.91 -10.83 14.53
O1 LDA I . 13.00 -11.22 15.29
CM1 LDA I . 14.87 -11.93 14.29
CM2 LDA I . 14.59 -9.80 15.35
C1 LDA I . 13.24 -10.29 13.28
C2 LDA I . 13.93 -10.36 11.90
C3 LDA I . 13.02 -9.76 10.79
C4 LDA I . 13.00 -10.52 9.44
C5 LDA I . 11.87 -10.05 8.48
C6 LDA I . 11.00 -11.14 7.81
C7 LDA I . 9.65 -10.63 7.27
C8 LDA I . 9.09 -11.46 6.08
C9 LDA I . 7.81 -10.91 5.36
C10 LDA I . 6.81 -11.96 4.81
C11 LDA I . 5.53 -11.34 4.22
C12 LDA I . 4.20 -12.04 4.54
N1 LDA J . 10.15 -18.57 -10.34
O1 LDA J . 8.93 -18.45 -10.37
CM1 LDA J . 10.71 -19.89 -10.69
CM2 LDA J . 10.99 -17.37 -10.58
C1 LDA J . 10.28 -18.77 -8.84
C2 LDA J . 10.02 -17.61 -7.87
C3 LDA J . 10.24 -18.06 -6.42
C4 LDA J . 10.79 -16.95 -5.52
C5 LDA J . 9.94 -16.75 -4.28
C6 LDA J . 10.69 -15.85 -3.33
C7 LDA J . 9.86 -15.62 -2.07
C8 LDA J . 10.53 -14.59 -1.16
C9 LDA J . 9.52 -13.58 -0.63
C10 LDA J . 10.15 -12.74 0.47
C11 LDA J . 9.18 -11.73 1.06
C12 LDA J . 9.66 -11.27 2.42
N1 LDA K . 15.74 -18.13 -10.02
O1 LDA K . 14.97 -17.77 -10.93
CM1 LDA K . 15.25 -19.03 -8.96
CM2 LDA K . 17.18 -18.19 -10.33
C1 LDA K . 15.68 -16.78 -9.30
C2 LDA K . 14.31 -16.21 -8.81
C3 LDA K . 14.49 -14.93 -8.01
C4 LDA K . 14.06 -15.05 -6.55
C5 LDA K . 14.50 -13.86 -5.70
C6 LDA K . 14.20 -14.12 -4.23
C7 LDA K . 14.61 -12.98 -3.30
C8 LDA K . 14.84 -13.46 -1.86
C9 LDA K . 15.25 -12.33 -0.90
C10 LDA K . 14.83 -12.61 0.56
C11 LDA K . 15.10 -11.45 1.52
C12 LDA K . 14.36 -11.62 2.84
MG BCL L . -1.88 4.99 20.20
CHA BCL L . -0.72 7.56 18.24
CHB BCL L . -5.03 6.08 19.54
CHC BCL L . -3.12 2.04 21.40
CHD BCL L . 1.28 3.88 20.79
NA BCL L . -2.73 6.60 19.03
C1A BCL L . -2.08 7.52 18.23
C2A BCL L . -3.02 8.42 17.49
C3A BCL L . -4.35 8.02 18.09
C4A BCL L . -4.03 6.81 18.89
CMA BCL L . -4.74 9.11 19.11
CAA BCL L . -3.08 7.99 16.00
CBA BCL L . -3.52 6.53 15.68
CGA BCL L . -3.86 6.16 14.30
O1A BCL L . -3.26 6.54 13.28
O2A BCL L . -4.91 5.31 14.24
NB BCL L . -3.78 4.20 20.44
C1B BCL L . -4.94 4.83 20.04
C2B BCL L . -6.03 3.90 20.28
C3B BCL L . -5.50 2.75 20.80
C4B BCL L . -4.05 2.93 20.90
CMB BCL L . -7.45 4.28 19.92
CAB BCL L . -6.16 1.46 21.21
OBB BCL L . -5.54 0.45 21.50
CBB BCL L . -7.66 1.37 21.32
NC BCL L . -1.06 3.25 20.90
C1C BCL L . -1.74 2.24 21.47
C2C BCL L . -0.91 1.27 22.29
C3C BCL L . 0.48 1.82 22.05
C4C BCL L . 0.27 3.07 21.23
CMC BCL L . -1.32 1.26 23.76
CAC BCL L . 1.33 0.79 21.32
CBC BCL L . 0.88 0.48 19.88
ND BCL L . -0.10 5.54 19.60
C1D BCL L . 1.14 5.07 20.05
C2D BCL L . 2.14 5.98 19.61
C3D BCL L . 1.47 6.99 18.91
C4D BCL L . 0.10 6.69 18.93
CMD BCL L . 3.61 5.83 19.87
CAD BCL L . 1.62 8.22 18.19
OBD BCL L . 2.64 8.87 17.93
CBD BCL L . 0.19 8.66 17.72
CGD BCL L . -0.12 10.03 18.26
O1D BCL L . -0.14 11.02 17.54
O2D BCL L . -0.35 10.04 19.58
CED BCL L . -0.64 11.26 20.22
C1 BCL L . -5.49 4.75 13.04
C2 BCL L . -6.12 5.84 12.15
C3 BCL L . -7.43 6.02 11.91
C4 BCL L . -7.84 7.16 10.96
C5 BCL L . -8.56 5.21 12.52
C6 BCL L . -8.75 5.68 13.97
C7 BCL L . -9.56 6.97 14.13
C8 BCL L . -9.05 8.00 15.17
C9 BCL L . -7.92 8.89 14.63
C10 BCL L . -8.66 7.35 16.49
C11 BCL L . -8.46 8.34 17.62
C12 BCL L . -9.55 8.24 18.68
C13 BCL L . -9.29 9.20 19.84
C14 BCL L . -10.04 8.69 21.07
C15 BCL L . -9.72 10.63 19.47
C16 BCL L . -8.87 11.74 20.12
C17 BCL L . -9.67 12.73 20.98
C18 BCL L . -9.46 14.20 20.62
C19 BCL L . -8.00 14.61 20.78
C20 BCL L . -10.42 15.10 21.42
MG BCL M . 7.08 -0.26 19.58
CHA BCL M . 4.02 -1.85 19.74
CHB BCL M . 6.62 -0.12 16.20
CHC BCL M . 10.00 1.34 19.42
CHD BCL M . 6.98 0.29 23.02
NA BCL M . 5.50 -0.89 18.17
C1A BCL M . 4.40 -1.69 18.45
C2A BCL M . 3.71 -2.20 17.22
C3A BCL M . 4.58 -1.59 16.10
C4A BCL M . 5.63 -0.84 16.86
CMA BCL M . 5.12 -2.62 15.12
CAA BCL M . 2.28 -1.68 17.09
CBA BCL M . 1.51 -2.21 15.89
CGA BCL M . 0.30 -1.46 15.62
O1A BCL M . -0.14 -1.26 14.49
O2A BCL M . -0.32 -1.01 16.72
NB BCL M . 8.13 0.52 18.04
C1B BCL M . 7.75 0.48 16.72
C2B BCL M . 8.78 1.16 15.98
C3B BCL M . 9.76 1.61 16.87
C4B BCL M . 9.35 1.17 18.20
CMB BCL M . 8.70 1.33 14.47
CAB BCL M . 11.04 2.37 16.65
OBB BCL M . 11.73 2.77 17.55
CBB BCL M . 11.60 2.72 15.29
NC BCL M . 8.27 0.70 20.99
C1C BCL M . 9.46 1.20 20.71
C2C BCL M . 10.25 1.61 21.90
C3C BCL M . 9.26 1.41 23.01
C4C BCL M . 8.11 0.73 22.35
CMC BCL M . 11.47 0.70 22.05
CAC BCL M . 8.75 2.79 23.47
CBC BCL M . 9.79 3.68 24.16
ND BCL M . 5.78 -0.65 21.09
C1D BCL M . 5.89 -0.42 22.46
C2D BCL M . 4.77 -1.03 23.11
C3D BCL M . 4.02 -1.58 22.09
C4D BCL M . 4.65 -1.33 20.87
CMD BCL M . 4.44 -1.06 24.57
CAD BCL M . 2.83 -2.33 21.81
OBD BCL M . 1.95 -2.76 22.56
CBD BCL M . 2.82 -2.58 20.29
CGD BCL M . 3.15 -4.05 20.08
O1D BCL M . 2.44 -4.86 19.49
O2D BCL M . 4.34 -4.40 20.58
CED BCL M . 4.88 -5.72 20.49
C1 BCL M . -1.51 -0.23 16.66
C2 BCL M . -2.77 -1.07 16.69
C3 BCL M . -3.56 -1.18 17.75
C4 BCL M . -3.25 -0.50 19.07
C5 BCL M . -4.81 -2.04 17.66
C6 BCL M . -6.07 -1.21 17.92
C7 BCL M . -7.33 -1.98 17.55
C8 BCL M . -8.61 -1.47 18.23
C9 BCL M . -9.74 -2.50 18.12
C10 BCL M . -9.05 -0.13 17.63
C11 BCL M . -10.23 0.45 18.42
C12 BCL M . -10.49 1.91 18.02
C13 BCL M . -11.32 2.64 19.08
C14 BCL M . -12.65 1.97 19.35
C15 BCL M . -11.49 4.12 18.70
C16 BCL M . -12.52 4.37 17.62
C17 BCL M . -12.14 5.55 16.72
C18 BCL M . -13.32 6.15 15.94
C19 BCL M . -13.92 5.19 14.91
C20 BCL M . -12.96 7.49 15.31
MG BCL N . 15.98 -1.30 10.42
CHA BCL N . 14.38 -3.87 11.95
CHB BCL N . 16.99 -3.41 7.95
CHC BCL N . 17.25 1.31 8.71
CHD BCL N . 14.75 0.85 12.78
NA BCL N . 15.69 -3.31 10.01
C1A BCL N . 15.00 -4.23 10.79
C2A BCL N . 15.01 -5.60 10.20
C3A BCL N . 15.99 -5.42 9.05
C4A BCL N . 16.23 -3.96 8.99
CMA BCL N . 17.32 -6.07 9.41
CAA BCL N . 13.61 -5.79 9.55
CBA BCL N . 13.06 -4.68 8.59
CGA BCL N . 11.93 -4.96 7.68
O1A BCL N . 11.29 -6.00 7.64
O2A BCL N . 11.64 -3.90 6.87
NB BCL N . 16.93 -1.10 8.62
C1B BCL N . 17.21 -2.09 7.74
C2B BCL N . 17.80 -1.48 6.56
C3B BCL N . 17.86 -0.11 6.75
C4B BCL N . 17.31 0.13 8.07
CMB BCL N . 18.19 -2.29 5.37
CAB BCL N . 18.37 0.99 5.87
OBB BCL N . 18.13 2.19 6.02
CBB BCL N . 19.26 0.65 4.70
NC BCL N . 16.02 0.67 10.71
C1C BCL N . 16.60 1.56 9.91
C2C BCL N . 16.54 2.97 10.39
C3C BCL N . 15.62 2.84 11.58
C4C BCL N . 15.47 1.37 11.76
CMC BCL N . 17.92 3.37 10.90
CAC BCL N . 14.27 3.37 11.12
CBC BCL N . 13.68 2.82 9.79
ND BCL N . 14.81 -1.44 11.99
C1D BCL N . 14.46 -0.49 12.94
C2D BCL N . 13.79 -1.11 14.04
C3D BCL N . 13.71 -2.45 13.72
C4D BCL N . 14.37 -2.62 12.47
CMD BCL N . 13.27 -0.35 15.22
CAD BCL N . 13.30 -3.75 14.15
OBD BCL N . 12.70 -4.12 15.16
CBD BCL N . 13.69 -4.75 13.00
CGD BCL N . 14.53 -5.85 13.57
O1D BCL N . 14.00 -6.93 13.81
O2D BCL N . 15.84 -5.54 13.78
CED BCL N . 16.70 -6.57 14.31
C1 BCL N . 10.59 -3.88 5.89
C2 BCL N . 11.13 -4.56 4.65
C3 BCL N . 10.79 -5.79 4.22
C4 BCL N . 9.76 -6.74 4.86
C5 BCL N . 11.54 -6.29 3.01
C6 BCL N . 12.69 -7.19 3.48
C7 BCL N . 13.85 -6.43 4.14
C8 BCL N . 14.99 -7.36 4.58
C9 BCL N . 14.62 -8.14 5.85
C10 BCL N . 16.26 -6.52 4.74
C11 BCL N . 17.51 -7.38 4.91
C12 BCL N . 18.69 -6.55 5.40
C13 BCL N . 19.95 -7.38 5.61
C14 BCL N . 19.86 -8.28 6.84
C15 BCL N . 21.16 -6.45 5.73
C16 BCL N . 21.64 -5.82 4.42
C17 BCL N . 22.01 -6.88 3.39
C18 BCL N . 23.16 -6.42 2.49
C19 BCL N . 23.11 -7.13 1.15
C20 BCL N . 24.51 -6.63 3.20
O1D BPH O . -14.55 -1.02 10.60
CGD BPH O . -13.37 -1.24 10.49
O2D BPH O . -12.56 -0.60 9.61
CED BPH O . -13.03 0.38 8.68
CBD BPH O . -12.67 -2.23 11.39
CHA BPH O . -11.45 -1.64 12.10
C4D BPH O . -10.36 -2.34 11.60
C3D BPH O . -10.66 -3.40 10.72
CAD BPH O . -12.08 -3.38 10.52
OBD BPH O . -12.77 -4.13 9.83
C2D BPH O . -9.47 -4.03 10.35
CMD BPH O . -9.30 -5.21 9.42
C1D BPH O . -8.44 -3.36 11.04
ND BPH O . -9.02 -2.35 11.80
CHD BPH O . -7.03 -3.61 11.02
C4C BPH O . -6.03 -2.93 11.71
C3C BPH O . -4.54 -3.18 11.67
CAC BPH O . -4.06 -4.59 12.01
CBC BPH O . -4.36 -5.62 10.92
C2C BPH O . -3.98 -2.14 12.66
CMC BPH O . -2.87 -1.26 12.10
C1C BPH O . -5.22 -1.40 13.10
NC BPH O . -6.33 -1.87 12.55
CHC BPH O . -5.15 -0.33 14.00
C4B BPH O . -6.09 0.59 14.42
C3B BPH O . -5.91 1.74 15.28
CAB BPH O . -4.65 2.16 15.93
CBB BPH O . -3.42 2.26 15.11
OBB BPH O . -4.59 2.51 17.10
C2B BPH O . -7.11 2.39 15.44
CMB BPH O . -7.37 3.62 16.26
C1B BPH O . -8.08 1.66 14.67
NB BPH O . -7.41 0.61 14.09
CHB BPH O . -9.40 1.94 14.51
C4A BPH O . -10.39 1.12 13.94
C3A BPH O . -11.81 1.58 13.95
CMA BPH O . -11.91 2.81 13.05
C2A BPH O . -12.55 0.41 13.29
C1A BPH O . -11.42 -0.50 12.88
NA BPH O . -10.20 -0.01 13.26
CAA BPH O . -13.39 -0.26 14.37
CBA BPH O . -14.58 0.58 14.90
CGA BPH O . -15.06 0.24 16.26
O1A BPH O . -14.77 -0.78 16.87
O2A BPH O . -15.88 1.17 16.75
C1 BPH O . -16.51 1.13 18.03
C2 BPH O . -16.91 2.57 18.35
C3 BPH O . -17.85 3.23 17.66
C4 BPH O . -18.64 2.64 16.50
C5 BPH O . -18.27 4.69 17.90
C6 BPH O . -17.14 5.56 18.47
C7 BPH O . -17.45 7.07 18.49
C8 BPH O . -16.17 7.90 18.48
C9 BPH O . -15.22 7.49 19.61
C10 BPH O . -16.45 9.40 18.50
C11 BPH O . -15.30 10.18 17.86
C12 BPH O . -15.60 11.68 17.72
C13 BPH O . -14.86 12.31 16.53
C14 BPH O . -13.33 12.27 16.74
C15 BPH O . -15.43 13.72 16.26
C16 BPH O . -16.17 13.85 14.92
C17 BPH O . -17.58 13.27 14.95
C18 BPH O . -18.65 14.23 15.53
C19 BPH O . -19.35 13.66 16.76
C20 BPH O . -19.67 14.63 14.46
C1 U10 P . 2.86 -5.93 -6.77
C2 U10 P . 1.63 -5.61 -7.58
C3 U10 P . 1.25 -6.45 -8.76
C4 U10 P . 2.12 -7.61 -9.13
C5 U10 P . 3.34 -7.93 -8.32
C6 U10 P . 3.70 -7.09 -7.13
C1M U10 P . 3.22 -5.06 -5.60
C3M U10 P . -1.19 -6.31 -9.02
C4M U10 P . 0.58 -9.03 -10.42
C7 U10 P . 4.96 -7.45 -6.36
C8 U10 P . 4.66 -8.03 -5.00
C9 U10 P . 4.96 -9.27 -4.62
C10 U10 P . 5.49 -10.33 -5.57
C11 U10 P . 4.69 -9.63 -3.16
C12 U10 P . 5.93 -10.02 -2.36
C13 U10 P . 6.75 -8.78 -2.09
C14 U10 P . 7.17 -8.33 -0.88
C15 U10 P . 6.68 -8.92 0.43
C16 U10 P . 8.19 -7.20 -0.88
C17 U10 P . 9.58 -7.64 -0.38
C18 U10 P . 10.42 -8.27 -1.48
C19 U10 P . 11.53 -8.95 -1.20
C20 U10 P . 11.97 -9.21 0.22
C21 U10 P . 12.37 -9.51 -2.33
C22 U10 P . 13.52 -8.54 -2.60
C23 U10 P . 14.44 -9.07 -3.69
C24 U10 P . 15.19 -8.29 -4.49
C25 U10 P . 15.31 -6.81 -4.28
C26 U10 P . 15.94 -8.92 -5.65
C27 U10 P . 17.40 -9.23 -5.30
C28 U10 P . 17.85 -10.51 -5.96
C29 U10 P . 19.02 -10.68 -6.63
C30 U10 P . 19.59 -12.08 -6.72
C31 U10 P . 19.81 -9.54 -7.30
C32 U10 P . 19.00 -8.67 -8.28
C33 U10 P . 19.66 -8.34 -9.62
C34 U10 P . 20.62 -7.36 -9.76
C35 U10 P . 21.62 -7.09 -8.64
C36 U10 P . 20.75 -6.60 -10.88
C37 U10 P . 20.48 -7.10 -12.31
C38 U10 P . 20.86 -8.56 -12.59
C39 U10 P . 22.14 -9.01 -12.77
C40 U10 P . 22.47 -10.44 -12.40
C41 U10 P . 23.23 -8.13 -13.31
O2 U10 P . 0.89 -4.62 -7.29
O3 U10 P . 0.15 -6.12 -9.50
O4 U10 P . 1.85 -8.42 -10.22
O5 U10 P . 4.05 -8.90 -8.65
CMA SPN Q . -16.07 18.28 24.07
O1 SPN Q . -16.53 17.56 25.26
CM1 SPN Q . -17.89 16.06 26.58
CM2 SPN Q . -18.46 16.54 24.20
C1 SPN Q . -17.32 16.34 25.19
C2 SPN Q . -16.47 15.17 24.75
O2 SPN Q . -17.03 14.18 24.33
C3 SPN Q . -14.95 15.14 24.82
C4 SPN Q . -14.31 13.98 25.17
C5 SPN Q . -12.88 13.74 24.97
CM3 SPN Q . -11.92 14.89 25.06
C6 SPN Q . -12.48 12.45 24.74
C7 SPN Q . -11.08 12.03 24.52
C8 SPN Q . -10.71 10.75 24.75
C9 SPN Q . -9.35 10.23 24.53
CM4 SPN Q . -8.16 11.16 24.50
C10 SPN Q . -9.24 8.89 24.32
C11 SPN Q . -7.97 8.21 24.03
C12 SPN Q . -7.89 6.86 24.19
C13 SPN Q . -6.70 6.06 23.91
CM5 SPN Q . -5.47 6.79 23.40
C14 SPN Q . -6.76 4.71 24.12
C15 SPN Q . -5.62 3.77 23.87
C16 SPN Q . -5.61 2.46 24.21
C17 SPN Q . -6.81 1.70 24.89
C18 SPN Q . -6.84 0.36 25.12
CM6 SPN Q . -5.69 -0.54 24.75
C19 SPN Q . -8.04 -0.16 25.76
C20 SPN Q . -8.40 -1.46 25.74
C21 SPN Q . -9.65 -1.83 26.39
C22 SPN Q . -10.16 -3.08 26.43
CM7 SPN Q . -9.46 -4.26 25.83
C23 SPN Q . -11.46 -3.30 27.15
C24 SPN Q . -11.20 -3.79 28.56
C25 SPN Q . -12.47 -3.95 29.34
C26 SPN Q . -12.53 -3.86 30.69
CM8 SPN Q . -11.31 -3.59 31.52
C27 SPN Q . -13.84 -4.04 31.37
C28 SPN Q . -14.20 -5.52 31.46
C29 SPN Q . -15.47 -5.77 32.23
C30 SPN Q . -16.38 -6.75 31.92
CM9 SPN Q . -16.23 -7.70 30.76
CMB SPN Q . -17.60 -6.88 32.79
C1 CDL R . -13.87 -18.88 0.87
O1 CDL R . -14.69 -20.04 0.86
CA2 CDL R . -12.44 -19.33 1.12
OA2 CDL R . -11.58 -18.20 1.29
PA1 CDL R . -10.02 -18.20 0.89
OA3 CDL R . -9.71 -16.85 0.36
OA4 CDL R . -9.69 -19.41 0.02
OA5 CDL R . -9.30 -18.38 2.33
CA3 CDL R . -8.73 -19.65 2.73
CA4 CDL R . -7.63 -19.49 3.79
OA6 CDL R . -6.41 -20.17 3.37
CA5 CDL R . -5.15 -19.69 3.94
OA7 CDL R . -5.01 -18.48 4.08
C11 CDL R . -4.01 -20.65 4.32
C12 CDL R . -3.18 -20.15 5.51
C13 CDL R . -1.73 -20.68 5.46
C14 CDL R . -1.21 -21.05 6.86
C15 CDL R . 0.19 -21.70 6.86
C16 CDL R . 0.28 -22.94 7.75
C17 CDL R . 1.68 -23.16 8.33
C18 CDL R . 1.74 -24.43 9.17
C19 CDL R . 3.13 -25.08 9.12
C20 CDL R . 3.35 -25.94 7.89
C21 CDL R . 4.68 -26.71 7.93
C22 CDL R . 5.88 -25.88 7.44
C23 CDL R . 7.22 -26.52 7.85
C24 CDL R . 8.41 -25.57 7.68
CA6 CDL R . -8.07 -20.09 5.13
OA8 CDL R . -7.42 -19.42 6.21
CA7 CDL R . -7.12 -20.10 7.47
OA9 CDL R . -7.11 -21.32 7.50
C31 CDL R . -6.86 -19.30 8.75
C32 CDL R . -5.43 -19.45 9.24
C33 CDL R . -5.26 -18.58 10.48
C34 CDL R . -3.91 -18.79 11.16
C35 CDL R . -3.76 -17.81 12.31
C36 CDL R . -2.81 -18.29 13.39
C37 CDL R . -1.35 -18.19 12.96
C38 CDL R . -0.41 -17.75 14.10
C39 CDL R . 0.51 -18.87 14.59
C40 CDL R . 1.47 -18.30 15.61
C41 CDL R . 2.37 -19.37 16.21
C42 CDL R . 3.00 -18.88 17.51
C43 CDL R . 2.12 -19.18 18.73
CB2 CDL R . -14.38 -17.89 1.93
OB2 CDL R . -14.10 -18.39 3.24
PB2 CDL R . -14.44 -17.63 4.63
OB3 CDL R . -15.40 -16.49 4.41
OB4 CDL R . -14.78 -18.73 5.61
OB5 CDL R . -13.01 -17.04 5.04
CB3 CDL R . -11.83 -17.86 4.98
CB4 CDL R . -10.67 -17.24 5.77
OB6 CDL R . -10.92 -17.26 7.19
CB5 CDL R . -10.86 -18.54 7.92
OB7 CDL R . -10.52 -19.57 7.37
C51 CDL R . -11.24 -18.60 9.41
C52 CDL R . -10.25 -17.85 10.28
C53 CDL R . -10.65 -17.95 11.76
C54 CDL R . -9.51 -17.52 12.67
C55 CDL R . -9.87 -17.67 14.14
CB6 CDL R . -10.44 -15.83 5.25
OB8 CDL R . -9.47 -15.13 6.03
CB7 CDL R . -8.06 -15.05 5.67
OB9 CDL R . -7.62 -15.76 4.77
C71 CDL R . -7.18 -14.08 6.49
C72 CDL R . -7.01 -14.63 7.90
C73 CDL R . -6.73 -13.59 8.98
C74 CDL R . -6.78 -14.30 10.33
C75 CDL R . -6.10 -13.56 11.48
C76 CDL R . -6.19 -14.37 12.78
C77 CDL R . -6.30 -13.47 14.00
C78 CDL R . -6.26 -14.30 15.27
C79 CDL R . -5.93 -13.48 16.50
C80 CDL R . -5.64 -14.39 17.70
C81 CDL R . -4.16 -14.77 17.79
C82 CDL R . -3.88 -15.66 18.99
C83 CDL R . -2.53 -16.37 18.80
C84 CDL R . -2.12 -17.12 20.07
N1 LDA S . -7.29 19.66 -7.96
O1 LDA S . -6.68 18.61 -8.23
CM1 LDA S . -8.18 19.96 -9.10
CM2 LDA S . -6.31 20.77 -7.81
C1 LDA S . -8.09 19.50 -6.71
C2 LDA S . -7.45 18.63 -5.62
C3 LDA S . -8.26 18.67 -4.32
C4 LDA S . -7.69 17.76 -3.22
C5 LDA S . -8.77 17.00 -2.45
C6 LDA S . -8.15 16.02 -1.47
C7 LDA S . -9.21 15.22 -0.71
C8 LDA S . -8.62 13.92 -0.13
C9 LDA S . -9.69 13.09 0.57
C10 LDA S . -9.08 11.93 1.39
C11 LDA S . -10.07 10.77 1.55
C12 LDA S . -9.84 9.96 2.81
N1 LDA T . 15.79 -17.82 12.31
O1 LDA T . 14.74 -18.39 12.00
CM1 LDA T . 15.75 -16.64 13.18
CM2 LDA T . 17.01 -18.66 12.37
C1 LDA T . 15.98 -17.17 10.94
C2 LDA T . 14.92 -16.18 10.43
C3 LDA T . 15.19 -15.70 8.99
C4 LDA T . 15.20 -14.18 8.85
C5 LDA T . 15.15 -13.71 7.39
C6 LDA T . 15.79 -12.34 7.19
C7 LDA T . 17.23 -12.38 6.64
C8 LDA T . 17.31 -12.00 5.15
C9 LDA T . 18.76 -11.95 4.66
C10 LDA T . 18.84 -11.37 3.24
C11 LDA T . 20.29 -11.12 2.79
C12 LDA T . 20.48 -11.46 1.33
C1 DD9 U . 11.90 -14.05 5.38
C2 DD9 U . 12.23 -15.53 5.34
C3 DD9 U . 11.45 -16.33 6.40
C4 DD9 U . 11.81 -17.81 6.37
C5 DD9 U . 11.67 -18.49 7.73
C6 DD9 U . 12.43 -19.83 7.81
C7 DD9 U . 12.29 -20.45 9.20
C8 DD9 U . 12.48 -21.97 9.18
C9 DD9 U . 12.38 -22.54 10.60
C1 DD9 V . 10.86 -20.22 1.75
C2 DD9 V . 9.74 -21.10 2.29
C3 DD9 V . 10.01 -22.60 2.14
C4 DD9 V . 9.10 -23.42 3.07
C5 DD9 V . 8.91 -24.87 2.62
C6 DD9 V . 7.83 -25.61 3.43
C7 DD9 V . 7.26 -26.81 2.67
#